data_4ML6
#
_entry.id   4ML6
#
_cell.length_a   54.690
_cell.length_b   110.598
_cell.length_c   80.744
_cell.angle_alpha   90.00
_cell.angle_beta   96.83
_cell.angle_gamma   90.00
#
_symmetry.space_group_name_H-M   'P 1 21 1'
#
loop_
_entity.id
_entity.type
_entity.pdbx_description
1 polymer DsbP
2 water water
#
_entity_poly.entity_id   1
_entity_poly.type   'polypeptide(L)'
_entity_poly.pdbx_seq_one_letter_code
;SNASSKLEITDPRAAKIEDIVELPIKGVRAVQSDGQIMFLSENGRFVISGQIYDLWSKKPLNTMSQMRDVAERIHFKSMG
MDVDTLNTVSMGRGDKEVVVFVDPRCAVCHQLMGDAKSLVDDYTFKFIVIPALGAESNRLAKNLYCAKDKTHALDALMNN
TLGSLPSKETCDPGQYDQTLLTAHFIGIEGVPFVVAPDGRVSKGRPKNLKSWLESAE
;
_entity_poly.pdbx_strand_id   A,B,C,D
#
# COMPACT_ATOMS: atom_id res chain seq x y z
N ALA A 15 7.51 20.27 -23.51
CA ALA A 15 8.74 19.72 -24.07
C ALA A 15 8.99 18.37 -23.41
N LYS A 16 10.20 18.13 -22.94
CA LYS A 16 10.57 16.82 -22.39
C LYS A 16 10.55 16.78 -20.89
N ILE A 17 10.40 15.57 -20.38
CA ILE A 17 10.57 15.32 -18.95
C ILE A 17 12.03 14.85 -18.72
N GLU A 18 12.82 15.73 -18.12
CA GLU A 18 14.26 15.55 -18.06
C GLU A 18 14.69 14.57 -16.96
N ASP A 19 13.82 14.40 -15.97
CA ASP A 19 14.15 13.60 -14.83
C ASP A 19 12.86 13.20 -14.09
N ILE A 20 12.94 12.03 -13.45
CA ILE A 20 11.86 11.44 -12.67
C ILE A 20 12.49 10.74 -11.44
N VAL A 21 11.80 10.89 -10.32
CA VAL A 21 12.19 10.28 -9.06
C VAL A 21 10.96 9.75 -8.37
N GLU A 22 11.02 8.48 -8.01
CA GLU A 22 9.96 7.87 -7.23
C GLU A 22 10.12 8.26 -5.79
N LEU A 23 9.14 8.96 -5.21
CA LEU A 23 9.28 9.44 -3.83
C LEU A 23 8.81 8.36 -2.84
N PRO A 24 9.42 8.33 -1.63
CA PRO A 24 9.02 7.32 -0.64
C PRO A 24 7.72 7.73 0.07
N ILE A 25 6.65 7.62 -0.68
CA ILE A 25 5.30 8.03 -0.28
C ILE A 25 4.31 6.96 -0.67
N LYS A 26 3.54 6.48 0.28
CA LYS A 26 2.55 5.42 0.04
C LYS A 26 1.09 5.96 0.03
N GLY A 27 0.90 7.14 0.55
CA GLY A 27 -0.42 7.74 0.51
C GLY A 27 -0.38 9.22 0.77
N VAL A 28 -1.43 9.90 0.36
CA VAL A 28 -1.55 11.35 0.54
C VAL A 28 -2.90 11.70 1.13
N ARG A 29 -2.84 12.50 2.20
CA ARG A 29 -4.03 13.05 2.81
C ARG A 29 -4.14 14.58 2.48
N ALA A 30 -5.33 15.05 2.13
CA ALA A 30 -5.60 16.48 2.09
C ALA A 30 -5.89 16.92 3.50
N VAL A 31 -5.14 17.93 3.97
CA VAL A 31 -5.26 18.44 5.35
C VAL A 31 -5.61 19.93 5.32
N GLN A 32 -6.71 20.30 5.96
CA GLN A 32 -7.15 21.71 5.99
C GLN A 32 -6.77 22.39 7.30
N SER A 33 -5.93 23.42 7.27
CA SER A 33 -5.68 24.12 8.52
C SER A 33 -5.39 25.60 8.29
N ASP A 34 -5.95 26.46 9.14
CA ASP A 34 -5.73 27.89 9.02
C ASP A 34 -6.25 28.45 7.69
N GLY A 35 -7.25 27.80 7.09
CA GLY A 35 -7.83 28.24 5.84
C GLY A 35 -7.09 27.79 4.58
N GLN A 36 -5.98 27.07 4.75
CA GLN A 36 -5.32 26.43 3.59
C GLN A 36 -5.31 24.90 3.69
N ILE A 37 -5.42 24.28 2.52
CA ILE A 37 -5.37 22.84 2.33
C ILE A 37 -3.96 22.44 1.83
N MET A 38 -3.26 21.64 2.62
CA MET A 38 -1.98 21.07 2.28
C MET A 38 -2.12 19.61 2.02
N PHE A 39 -1.07 18.99 1.53
CA PHE A 39 -1.10 17.57 1.20
C PHE A 39 0.02 16.87 1.96
N LEU A 40 -0.35 15.89 2.76
CA LEU A 40 0.54 15.23 3.72
C LEU A 40 0.73 13.75 3.40
N SER A 41 1.97 13.23 3.48
CA SER A 41 2.28 11.82 3.24
C SER A 41 1.80 11.00 4.43
N GLU A 42 1.59 9.70 4.22
CA GLU A 42 0.99 8.79 5.22
C GLU A 42 1.77 8.75 6.54
N ASN A 43 3.10 8.91 6.47
CA ASN A 43 3.91 8.86 7.69
C ASN A 43 4.17 10.23 8.29
N GLY A 44 3.52 11.27 7.76
CA GLY A 44 3.65 12.63 8.28
C GLY A 44 5.00 13.23 7.93
N ARG A 45 5.71 12.62 7.00
CA ARG A 45 7.06 13.10 6.69
C ARG A 45 7.06 14.28 5.68
N PHE A 46 6.30 14.14 4.61
CA PHE A 46 6.31 15.17 3.58
C PHE A 46 5.01 15.96 3.61
N VAL A 47 5.13 17.28 3.46
CA VAL A 47 4.01 18.15 3.23
C VAL A 47 4.26 18.92 1.92
N ILE A 48 3.24 18.92 1.08
CA ILE A 48 3.26 19.62 -0.16
C ILE A 48 2.24 20.76 -0.07
N SER A 49 2.71 22.00 -0.23
CA SER A 49 1.86 23.20 -0.32
C SER A 49 1.71 23.50 -1.76
N GLY A 50 0.45 23.60 -2.23
CA GLY A 50 0.20 23.80 -3.63
C GLY A 50 -1.19 23.46 -4.10
N GLN A 51 -1.31 23.11 -5.38
CA GLN A 51 -2.60 22.91 -6.02
C GLN A 51 -2.66 21.55 -6.66
N ILE A 52 -3.79 20.85 -6.51
CA ILE A 52 -3.95 19.56 -7.11
C ILE A 52 -4.96 19.58 -8.17
N TYR A 53 -4.65 18.80 -9.19
CA TYR A 53 -5.48 18.67 -10.33
C TYR A 53 -5.71 17.21 -10.75
N ASP A 54 -6.98 16.94 -11.03
CA ASP A 54 -7.47 15.64 -11.43
C ASP A 54 -7.48 15.58 -12.90
N LEU A 55 -6.52 14.85 -13.43
CA LEU A 55 -6.36 14.76 -14.88
C LEU A 55 -7.40 13.85 -15.50
N TRP A 56 -8.00 12.95 -14.72
CA TRP A 56 -9.05 12.09 -15.29
C TRP A 56 -10.35 12.87 -15.58
N SER A 57 -10.76 13.74 -14.66
CA SER A 57 -11.96 14.55 -14.86
C SER A 57 -11.59 15.91 -15.42
N LYS A 58 -10.29 16.22 -15.46
CA LYS A 58 -9.79 17.48 -15.98
C LYS A 58 -10.35 18.67 -15.25
N LYS A 59 -10.19 18.66 -13.93
CA LYS A 59 -10.58 19.81 -13.14
C LYS A 59 -9.67 19.98 -11.93
N PRO A 60 -9.53 21.22 -11.46
CA PRO A 60 -8.73 21.41 -10.24
C PRO A 60 -9.53 21.04 -8.98
N LEU A 61 -8.87 20.73 -7.85
CA LEU A 61 -9.59 20.45 -6.61
C LEU A 61 -9.18 21.49 -5.58
N ASN A 62 -10.11 22.34 -5.13
CA ASN A 62 -9.78 23.46 -4.25
C ASN A 62 -10.48 23.45 -2.91
N THR A 63 -11.48 22.59 -2.75
CA THR A 63 -12.23 22.49 -1.49
C THR A 63 -12.13 21.14 -0.90
N MET A 64 -12.39 21.02 0.41
CA MET A 64 -12.41 19.71 1.03
C MET A 64 -13.57 18.86 0.52
N SER A 65 -14.67 19.48 0.07
CA SER A 65 -15.77 18.73 -0.52
C SER A 65 -15.37 18.00 -1.77
N GLN A 66 -14.47 18.62 -2.52
CA GLN A 66 -13.99 18.02 -3.73
C GLN A 66 -13.01 16.87 -3.43
N MET A 67 -12.23 17.04 -2.36
CA MET A 67 -11.31 15.98 -1.91
C MET A 67 -12.13 14.74 -1.50
N ARG A 68 -13.12 14.99 -0.66
CA ARG A 68 -14.06 13.97 -0.15
C ARG A 68 -14.77 13.30 -1.33
N ASP A 69 -15.05 14.11 -2.36
CA ASP A 69 -15.68 13.59 -3.57
C ASP A 69 -14.82 12.59 -4.34
N VAL A 70 -13.51 12.86 -4.52
CA VAL A 70 -12.70 11.91 -5.28
C VAL A 70 -12.44 10.68 -4.42
N ALA A 71 -12.46 10.84 -3.09
CA ALA A 71 -12.24 9.71 -2.19
C ALA A 71 -13.46 8.77 -2.08
N GLU A 72 -14.65 9.35 -2.18
CA GLU A 72 -15.88 8.64 -1.82
C GLU A 72 -16.71 8.33 -3.05
N ARG A 73 -16.43 8.98 -4.16
CA ARG A 73 -17.31 8.83 -5.33
C ARG A 73 -16.56 8.59 -6.64
N ILE A 74 -17.26 7.97 -7.58
CA ILE A 74 -16.75 7.75 -8.93
C ILE A 74 -17.74 8.31 -9.95
N HIS A 75 -17.28 9.25 -10.79
CA HIS A 75 -18.13 9.87 -11.82
C HIS A 75 -17.66 9.44 -13.22
N PHE A 76 -18.30 8.42 -13.74
CA PHE A 76 -17.83 7.74 -14.94
C PHE A 76 -17.87 8.67 -16.12
N LYS A 77 -18.94 9.45 -16.25
CA LYS A 77 -19.11 10.29 -17.43
C LYS A 77 -18.06 11.40 -17.39
N SER A 78 -17.85 11.93 -16.19
CA SER A 78 -16.90 12.97 -15.96
C SER A 78 -15.46 12.54 -16.23
N MET A 79 -15.15 11.26 -16.01
CA MET A 79 -13.76 10.77 -16.18
C MET A 79 -13.57 10.17 -17.58
N GLY A 80 -14.60 10.26 -18.40
CA GLY A 80 -14.56 9.79 -19.78
C GLY A 80 -14.57 8.29 -20.00
N MET A 81 -15.21 7.56 -19.08
CA MET A 81 -15.32 6.11 -19.18
CA MET A 81 -15.33 6.11 -19.19
C MET A 81 -16.76 5.72 -19.50
N ASP A 82 -16.91 4.97 -20.58
CA ASP A 82 -18.21 4.44 -21.01
C ASP A 82 -18.35 2.98 -20.57
N VAL A 83 -19.16 2.72 -19.54
CA VAL A 83 -19.22 1.37 -18.98
C VAL A 83 -19.81 0.35 -19.94
N ASP A 84 -20.50 0.84 -20.98
CA ASP A 84 -21.14 -0.04 -21.96
C ASP A 84 -20.07 -0.71 -22.86
N THR A 85 -18.85 -0.16 -22.88
CA THR A 85 -17.74 -0.69 -23.69
C THR A 85 -17.00 -1.88 -23.02
N LEU A 86 -17.30 -2.10 -21.74
CA LEU A 86 -16.70 -3.17 -20.98
C LEU A 86 -17.59 -4.42 -20.99
N ASN A 87 -17.13 -5.46 -20.30
CA ASN A 87 -17.86 -6.74 -20.25
C ASN A 87 -19.10 -6.55 -19.37
N THR A 88 -20.12 -5.93 -19.94
CA THR A 88 -21.27 -5.43 -19.17
C THR A 88 -22.57 -6.06 -19.65
N VAL A 89 -23.47 -6.27 -18.70
CA VAL A 89 -24.84 -6.67 -19.03
C VAL A 89 -25.83 -5.75 -18.30
N SER A 90 -26.81 -5.24 -19.04
CA SER A 90 -27.73 -4.23 -18.49
C SER A 90 -29.07 -4.84 -18.06
N MET A 91 -29.70 -4.22 -17.05
CA MET A 91 -31.03 -4.63 -16.57
C MET A 91 -31.87 -3.42 -16.17
N GLY A 92 -33.07 -3.32 -16.71
CA GLY A 92 -33.97 -2.25 -16.34
C GLY A 92 -34.14 -1.24 -17.45
N ARG A 93 -35.02 -0.27 -17.18
CA ARG A 93 -35.39 0.77 -18.13
C ARG A 93 -35.47 2.16 -17.46
N GLY A 94 -35.15 2.24 -16.17
CA GLY A 94 -35.18 3.51 -15.43
C GLY A 94 -34.19 4.60 -15.85
N ASP A 95 -34.52 5.86 -15.57
CA ASP A 95 -33.75 6.98 -16.07
C ASP A 95 -32.46 7.22 -15.30
N LYS A 96 -32.35 6.57 -14.16
CA LYS A 96 -31.17 6.69 -13.31
C LYS A 96 -30.29 5.46 -13.41
N GLU A 97 -29.02 5.72 -13.64
CA GLU A 97 -28.06 4.67 -13.90
C GLU A 97 -27.34 4.22 -12.62
N VAL A 98 -27.38 2.92 -12.39
CA VAL A 98 -26.66 2.27 -11.29
C VAL A 98 -25.61 1.34 -11.89
N VAL A 99 -24.37 1.46 -11.41
CA VAL A 99 -23.28 0.59 -11.85
C VAL A 99 -22.91 -0.41 -10.73
N VAL A 100 -22.80 -1.69 -11.07
CA VAL A 100 -22.44 -2.68 -10.08
C VAL A 100 -21.32 -3.59 -10.61
N PHE A 101 -20.15 -3.57 -9.95
CA PHE A 101 -19.12 -4.53 -10.30
C PHE A 101 -19.39 -5.85 -9.58
N VAL A 102 -19.39 -6.94 -10.34
CA VAL A 102 -19.69 -8.26 -9.81
C VAL A 102 -18.76 -9.35 -10.34
N ASP A 103 -18.56 -10.39 -9.54
CA ASP A 103 -17.86 -11.61 -9.97
C ASP A 103 -18.90 -12.69 -10.20
N PRO A 104 -18.75 -13.45 -11.31
CA PRO A 104 -19.75 -14.48 -11.67
C PRO A 104 -20.05 -15.49 -10.59
N ARG A 105 -19.15 -15.73 -9.65
CA ARG A 105 -19.35 -16.79 -8.66
C ARG A 105 -19.83 -16.21 -7.33
N CYS A 106 -19.91 -14.89 -7.22
CA CYS A 106 -20.28 -14.25 -5.96
CA CYS A 106 -20.27 -14.24 -5.97
C CYS A 106 -21.78 -14.33 -5.72
N ALA A 107 -22.17 -15.10 -4.69
CA ALA A 107 -23.56 -15.33 -4.39
C ALA A 107 -24.21 -14.08 -3.87
N VAL A 108 -23.48 -13.32 -3.05
CA VAL A 108 -23.98 -12.04 -2.57
C VAL A 108 -24.22 -11.11 -3.75
N CYS A 109 -23.37 -11.15 -4.78
CA CYS A 109 -23.61 -10.35 -5.98
CA CYS A 109 -23.60 -10.35 -5.98
C CYS A 109 -24.96 -10.72 -6.62
N HIS A 110 -25.26 -12.02 -6.70
CA HIS A 110 -26.50 -12.54 -7.30
C HIS A 110 -27.76 -12.10 -6.56
N GLN A 111 -27.67 -12.11 -5.24
CA GLN A 111 -28.74 -11.68 -4.36
C GLN A 111 -29.00 -10.20 -4.53
N LEU A 112 -27.92 -9.43 -4.73
CA LEU A 112 -28.09 -7.99 -4.91
C LEU A 112 -28.85 -7.78 -6.22
N MET A 113 -28.52 -8.57 -7.26
CA MET A 113 -29.21 -8.49 -8.54
C MET A 113 -30.69 -8.83 -8.36
N GLY A 114 -30.96 -9.77 -7.46
CA GLY A 114 -32.32 -10.14 -7.14
C GLY A 114 -33.03 -8.94 -6.56
N ASP A 115 -32.43 -8.26 -5.59
CA ASP A 115 -33.06 -7.07 -5.03
C ASP A 115 -33.31 -6.01 -6.13
N ALA A 116 -32.44 -6.00 -7.15
CA ALA A 116 -32.49 -4.96 -8.21
C ALA A 116 -33.66 -5.14 -9.19
N LYS A 117 -34.15 -6.37 -9.30
CA LYS A 117 -35.26 -6.69 -10.20
C LYS A 117 -36.53 -5.97 -9.79
N SER A 118 -36.63 -5.64 -8.51
CA SER A 118 -37.83 -4.99 -8.00
C SER A 118 -37.71 -3.48 -8.15
N LEU A 119 -36.63 -3.00 -8.81
CA LEU A 119 -36.36 -1.55 -8.93
C LEU A 119 -36.09 -1.08 -10.37
N VAL A 120 -36.37 -1.94 -11.35
CA VAL A 120 -36.06 -1.67 -12.77
C VAL A 120 -36.87 -0.55 -13.43
N ASP A 121 -37.98 -0.15 -12.84
CA ASP A 121 -38.71 0.96 -13.44
C ASP A 121 -38.01 2.27 -13.12
N ASP A 122 -37.35 2.32 -11.97
CA ASP A 122 -36.72 3.54 -11.48
C ASP A 122 -35.21 3.66 -11.82
N TYR A 123 -34.55 2.54 -12.10
CA TYR A 123 -33.11 2.53 -12.38
C TYR A 123 -32.78 1.63 -13.54
N THR A 124 -31.67 1.91 -14.19
CA THR A 124 -31.10 0.99 -15.16
C THR A 124 -29.77 0.49 -14.59
N PHE A 125 -29.67 -0.82 -14.41
CA PHE A 125 -28.49 -1.41 -13.79
C PHE A 125 -27.43 -1.85 -14.80
N LYS A 126 -26.18 -1.38 -14.60
CA LYS A 126 -25.04 -1.86 -15.39
C LYS A 126 -24.21 -2.84 -14.57
N PHE A 127 -24.34 -4.15 -14.85
CA PHE A 127 -23.57 -5.13 -14.11
C PHE A 127 -22.24 -5.39 -14.86
N ILE A 128 -21.16 -4.89 -14.28
CA ILE A 128 -19.85 -5.00 -14.90
C ILE A 128 -19.15 -6.22 -14.32
N VAL A 129 -18.90 -7.20 -15.17
CA VAL A 129 -18.41 -8.49 -14.71
C VAL A 129 -16.87 -8.51 -14.74
N ILE A 130 -16.29 -8.72 -13.57
CA ILE A 130 -14.86 -8.85 -13.44
C ILE A 130 -14.58 -10.21 -12.79
N PRO A 131 -13.59 -10.95 -13.32
CA PRO A 131 -13.13 -12.20 -12.74
C PRO A 131 -12.04 -11.90 -11.71
N ALA A 132 -12.47 -11.57 -10.49
CA ALA A 132 -11.59 -11.18 -9.39
C ALA A 132 -11.30 -12.34 -8.42
N LEU A 133 -12.03 -13.45 -8.56
CA LEU A 133 -12.05 -14.47 -7.51
C LEU A 133 -11.46 -15.80 -7.97
N GLY A 134 -10.66 -15.79 -9.03
CA GLY A 134 -9.83 -16.94 -9.39
C GLY A 134 -10.00 -17.47 -10.80
N ALA A 135 -9.52 -18.69 -11.00
CA ALA A 135 -9.43 -19.31 -12.33
C ALA A 135 -10.80 -19.67 -12.89
N GLU A 136 -11.66 -20.26 -12.06
CA GLU A 136 -13.01 -20.58 -12.53
C GLU A 136 -13.80 -19.30 -12.84
N SER A 137 -13.68 -18.27 -12.01
CA SER A 137 -14.34 -16.98 -12.31
C SER A 137 -13.88 -16.46 -13.66
N ASN A 138 -12.60 -16.63 -13.96
CA ASN A 138 -12.06 -16.14 -15.21
C ASN A 138 -12.61 -16.90 -16.41
N ARG A 139 -12.84 -18.20 -16.24
CA ARG A 139 -13.41 -19.01 -17.29
C ARG A 139 -14.78 -18.50 -17.68
N LEU A 140 -15.62 -18.30 -16.68
CA LEU A 140 -17.03 -17.90 -16.87
C LEU A 140 -17.13 -16.51 -17.48
N ALA A 141 -16.25 -15.60 -17.07
CA ALA A 141 -16.23 -14.23 -17.59
C ALA A 141 -15.85 -14.20 -19.07
N LYS A 142 -14.94 -15.08 -19.48
CA LYS A 142 -14.54 -15.17 -20.88
C LYS A 142 -15.73 -15.71 -21.71
N ASN A 143 -16.48 -16.67 -21.17
CA ASN A 143 -17.68 -17.20 -21.85
C ASN A 143 -18.69 -16.12 -22.16
N LEU A 144 -18.89 -15.23 -21.21
CA LEU A 144 -19.78 -14.11 -21.44
C LEU A 144 -19.24 -13.19 -22.53
N TYR A 145 -17.96 -12.88 -22.43
CA TYR A 145 -17.31 -11.96 -23.37
C TYR A 145 -17.39 -12.51 -24.79
N CYS A 146 -17.14 -13.81 -24.93
CA CYS A 146 -17.12 -14.48 -26.23
C CYS A 146 -18.48 -15.05 -26.62
N ALA A 147 -19.54 -14.59 -25.96
CA ALA A 147 -20.88 -15.11 -26.25
C ALA A 147 -21.45 -14.53 -27.55
N LYS A 148 -21.96 -15.43 -28.41
CA LYS A 148 -22.58 -15.01 -29.66
C LYS A 148 -23.94 -14.39 -29.38
N ASP A 149 -24.68 -15.00 -28.46
CA ASP A 149 -26.00 -14.51 -28.08
C ASP A 149 -25.98 -14.03 -26.62
N LYS A 150 -26.15 -12.73 -26.40
CA LYS A 150 -26.18 -12.17 -25.03
C LYS A 150 -27.60 -11.91 -24.54
N THR A 151 -28.60 -12.44 -25.23
CA THR A 151 -30.00 -12.23 -24.84
C THR A 151 -30.27 -12.75 -23.42
N HIS A 152 -29.76 -13.92 -23.11
CA HIS A 152 -30.00 -14.54 -21.82
C HIS A 152 -28.78 -14.45 -20.88
N ALA A 153 -27.91 -13.46 -21.15
CA ALA A 153 -26.72 -13.27 -20.34
C ALA A 153 -27.05 -12.88 -18.91
N LEU A 154 -28.03 -12.02 -18.73
CA LEU A 154 -28.40 -11.58 -17.37
C LEU A 154 -28.81 -12.75 -16.45
N ASP A 155 -29.66 -13.64 -16.96
CA ASP A 155 -30.12 -14.81 -16.20
C ASP A 155 -28.99 -15.79 -15.82
N ALA A 156 -28.11 -16.05 -16.77
CA ALA A 156 -26.96 -16.92 -16.53
C ALA A 156 -26.06 -16.35 -15.45
N LEU A 157 -25.95 -15.03 -15.43
CA LEU A 157 -25.13 -14.32 -14.44
C LEU A 157 -25.71 -14.50 -13.04
N MET A 158 -27.02 -14.31 -12.91
CA MET A 158 -27.68 -14.47 -11.61
C MET A 158 -27.69 -15.89 -11.10
N ASN A 159 -27.81 -16.84 -12.03
CA ASN A 159 -27.94 -18.26 -11.69
C ASN A 159 -26.67 -19.09 -11.88
N ASN A 160 -25.56 -18.43 -12.22
CA ASN A 160 -24.27 -19.07 -12.37
C ASN A 160 -24.28 -20.20 -13.42
N THR A 161 -24.70 -19.84 -14.63
CA THR A 161 -24.73 -20.77 -15.75
C THR A 161 -24.10 -20.14 -17.00
N LEU A 162 -23.06 -19.32 -16.80
CA LEU A 162 -22.40 -18.65 -17.92
C LEU A 162 -21.61 -19.66 -18.76
N GLY A 163 -21.27 -20.81 -18.17
CA GLY A 163 -20.50 -21.83 -18.85
C GLY A 163 -21.30 -22.42 -20.00
N SER A 164 -22.62 -22.29 -19.92
CA SER A 164 -23.51 -22.84 -20.92
C SER A 164 -24.11 -21.71 -21.75
N LEU A 165 -23.24 -20.83 -22.25
CA LEU A 165 -23.64 -19.79 -23.20
C LEU A 165 -22.96 -20.05 -24.54
N PRO A 166 -23.67 -19.78 -25.64
CA PRO A 166 -23.08 -20.10 -26.94
C PRO A 166 -21.97 -19.13 -27.27
N SER A 167 -20.75 -19.66 -27.45
CA SER A 167 -19.60 -18.83 -27.76
C SER A 167 -19.53 -18.51 -29.25
N LYS A 168 -19.07 -17.31 -29.58
CA LYS A 168 -18.80 -16.92 -30.96
C LYS A 168 -17.74 -17.83 -31.60
N GLU A 169 -17.79 -17.97 -32.93
CA GLU A 169 -16.74 -18.66 -33.66
C GLU A 169 -15.43 -17.87 -33.52
N THR A 170 -14.49 -18.46 -32.79
CA THR A 170 -13.14 -17.91 -32.58
C THR A 170 -13.15 -16.54 -31.88
N CYS A 171 -12.88 -16.61 -30.58
CA CYS A 171 -12.69 -15.44 -29.74
C CYS A 171 -11.34 -15.65 -29.01
N ASP A 172 -10.36 -14.75 -29.16
CA ASP A 172 -9.07 -14.93 -28.49
C ASP A 172 -8.75 -13.70 -27.64
N PRO A 173 -9.31 -13.68 -26.41
CA PRO A 173 -9.28 -12.46 -25.59
C PRO A 173 -8.00 -12.25 -24.77
N GLY A 174 -7.03 -13.15 -24.91
CA GLY A 174 -5.86 -13.11 -24.06
C GLY A 174 -6.24 -13.64 -22.68
N GLN A 175 -5.26 -13.72 -21.77
CA GLN A 175 -5.50 -14.28 -20.43
CA GLN A 175 -5.49 -14.28 -20.44
C GLN A 175 -5.93 -13.20 -19.43
N TYR A 176 -5.49 -11.97 -19.68
CA TYR A 176 -5.78 -10.84 -18.81
C TYR A 176 -7.00 -10.05 -19.29
N ASP A 177 -8.09 -10.20 -18.55
CA ASP A 177 -9.36 -9.52 -18.84
C ASP A 177 -9.23 -8.00 -18.76
N GLN A 178 -9.59 -7.29 -19.81
CA GLN A 178 -9.43 -5.83 -19.80
C GLN A 178 -10.33 -5.13 -18.79
N THR A 179 -11.49 -5.70 -18.54
CA THR A 179 -12.45 -5.11 -17.63
C THR A 179 -11.93 -5.12 -16.20
N LEU A 180 -11.31 -6.24 -15.81
CA LEU A 180 -10.66 -6.35 -14.51
C LEU A 180 -9.50 -5.34 -14.44
N LEU A 181 -8.72 -5.25 -15.51
CA LEU A 181 -7.62 -4.29 -15.58
C LEU A 181 -8.14 -2.86 -15.39
N THR A 182 -9.22 -2.52 -16.14
CA THR A 182 -9.83 -1.18 -16.00
C THR A 182 -10.32 -0.93 -14.56
N ALA A 183 -11.06 -1.89 -14.03
CA ALA A 183 -11.62 -1.80 -12.68
C ALA A 183 -10.54 -1.68 -11.63
N HIS A 184 -9.49 -2.50 -11.77
CA HIS A 184 -8.40 -2.45 -10.78
C HIS A 184 -7.73 -1.08 -10.82
N PHE A 185 -7.53 -0.57 -12.02
CA PHE A 185 -6.88 0.75 -12.22
C PHE A 185 -7.69 1.89 -11.59
N ILE A 186 -9.01 1.93 -11.82
CA ILE A 186 -9.79 3.07 -11.30
C ILE A 186 -10.11 2.90 -9.82
N GLY A 187 -9.72 1.77 -9.24
CA GLY A 187 -9.82 1.57 -7.80
C GLY A 187 -11.07 0.85 -7.31
N ILE A 188 -11.61 -0.02 -8.15
CA ILE A 188 -12.65 -0.93 -7.73
C ILE A 188 -12.02 -2.00 -6.78
N GLU A 189 -12.50 -2.04 -5.53
CA GLU A 189 -12.02 -2.99 -4.52
C GLU A 189 -13.11 -3.98 -4.09
N GLY A 190 -12.90 -5.24 -4.43
CA GLY A 190 -13.80 -6.29 -4.00
C GLY A 190 -15.12 -6.26 -4.76
N VAL A 191 -15.97 -7.25 -4.47
CA VAL A 191 -17.33 -7.37 -5.04
C VAL A 191 -18.35 -7.77 -3.96
N PRO A 192 -19.63 -7.35 -4.09
CA PRO A 192 -20.11 -6.45 -5.14
C PRO A 192 -19.61 -5.06 -4.84
N PHE A 193 -19.44 -4.27 -5.91
CA PHE A 193 -18.97 -2.90 -5.77
C PHE A 193 -20.00 -2.01 -6.48
N VAL A 194 -20.68 -1.19 -5.70
CA VAL A 194 -21.84 -0.49 -6.21
C VAL A 194 -21.57 1.00 -6.38
N VAL A 195 -21.93 1.53 -7.54
CA VAL A 195 -21.86 3.00 -7.77
C VAL A 195 -23.26 3.58 -8.08
N ALA A 196 -23.75 4.40 -7.16
CA ALA A 196 -25.07 5.01 -7.28
C ALA A 196 -25.08 6.07 -8.43
N PRO A 197 -26.28 6.51 -8.82
CA PRO A 197 -26.44 7.54 -9.87
C PRO A 197 -25.72 8.85 -9.56
N ASP A 198 -25.57 9.20 -8.28
CA ASP A 198 -24.90 10.43 -7.90
C ASP A 198 -23.40 10.19 -7.60
N GLY A 199 -22.93 8.98 -7.85
CA GLY A 199 -21.52 8.64 -7.77
C GLY A 199 -21.09 7.93 -6.51
N ARG A 200 -21.92 7.99 -5.47
CA ARG A 200 -21.60 7.36 -4.17
C ARG A 200 -21.30 5.88 -4.35
N VAL A 201 -20.29 5.39 -3.60
CA VAL A 201 -19.87 4.00 -3.73
C VAL A 201 -20.23 3.18 -2.49
N SER A 202 -20.61 1.94 -2.72
CA SER A 202 -20.70 0.94 -1.65
C SER A 202 -19.68 -0.20 -1.88
N LYS A 203 -18.72 -0.36 -0.97
CA LYS A 203 -17.84 -1.54 -1.05
C LYS A 203 -18.50 -2.75 -0.44
N GLY A 204 -19.20 -3.52 -1.27
CA GLY A 204 -19.99 -4.63 -0.75
C GLY A 204 -21.49 -4.36 -0.91
N ARG A 205 -22.29 -5.31 -0.49
CA ARG A 205 -23.72 -5.22 -0.61
C ARG A 205 -24.25 -4.21 0.40
N PRO A 206 -24.96 -3.19 -0.06
CA PRO A 206 -25.48 -2.26 0.95
C PRO A 206 -26.56 -2.87 1.87
N LYS A 207 -26.67 -2.26 3.05
CA LYS A 207 -27.59 -2.67 4.10
C LYS A 207 -29.01 -2.79 3.53
N ASN A 208 -29.45 -1.71 2.90
CA ASN A 208 -30.70 -1.68 2.16
C ASN A 208 -30.48 -0.97 0.83
N LEU A 209 -30.50 -1.76 -0.26
CA LEU A 209 -30.18 -1.23 -1.58
C LEU A 209 -31.13 -0.09 -1.99
N LYS A 210 -32.42 -0.29 -1.84
CA LYS A 210 -33.39 0.69 -2.31
C LYS A 210 -33.15 2.04 -1.64
N SER A 211 -33.04 2.05 -0.31
CA SER A 211 -32.86 3.30 0.42
C SER A 211 -31.43 3.81 0.25
N TRP A 212 -30.47 2.90 0.09
CA TRP A 212 -29.11 3.37 -0.11
C TRP A 212 -29.00 4.07 -1.46
N LEU A 213 -29.66 3.56 -2.49
CA LEU A 213 -29.64 4.21 -3.79
C LEU A 213 -30.27 5.61 -3.74
N GLU A 214 -31.24 5.79 -2.85
CA GLU A 214 -31.93 7.06 -2.72
C GLU A 214 -31.15 8.13 -1.94
N SER A 215 -29.92 7.81 -1.51
CA SER A 215 -28.94 8.71 -0.85
C SER A 215 -28.51 8.19 0.53
N ALA A 216 -27.80 9.04 1.27
CA ALA A 216 -27.08 8.65 2.49
C ALA A 216 -27.67 9.15 3.83
N ALA B 15 -19.13 -24.58 -8.19
CA ALA B 15 -19.95 -24.09 -7.08
C ALA B 15 -19.83 -22.55 -6.90
N LYS B 16 -20.60 -22.01 -5.95
CA LYS B 16 -20.70 -20.56 -5.67
C LYS B 16 -19.87 -20.10 -4.47
N ILE B 17 -19.47 -18.82 -4.47
CA ILE B 17 -18.77 -18.24 -3.34
C ILE B 17 -19.76 -17.52 -2.43
N GLU B 18 -19.95 -18.09 -1.24
CA GLU B 18 -21.03 -17.72 -0.33
C GLU B 18 -20.74 -16.44 0.45
N ASP B 19 -19.46 -16.11 0.62
CA ASP B 19 -19.05 -14.99 1.44
C ASP B 19 -17.59 -14.60 1.15
N ILE B 20 -17.36 -13.30 1.31
CA ILE B 20 -16.06 -12.71 1.07
C ILE B 20 -15.82 -11.72 2.17
N VAL B 21 -14.58 -11.70 2.63
CA VAL B 21 -14.13 -10.75 3.64
C VAL B 21 -12.77 -10.26 3.22
N GLU B 22 -12.64 -8.94 3.21
CA GLU B 22 -11.36 -8.31 3.00
C GLU B 22 -10.60 -8.28 4.31
N LEU B 23 -9.42 -8.88 4.34
CA LEU B 23 -8.69 -8.94 5.61
C LEU B 23 -7.79 -7.74 5.81
N PRO B 24 -7.56 -7.38 7.08
CA PRO B 24 -6.69 -6.23 7.32
C PRO B 24 -5.22 -6.63 7.09
N ILE B 25 -4.90 -6.90 5.82
CA ILE B 25 -3.57 -7.32 5.40
C ILE B 25 -3.10 -6.48 4.23
N LYS B 26 -1.92 -5.87 4.38
CA LYS B 26 -1.33 -5.01 3.34
C LYS B 26 -0.14 -5.63 2.61
N GLY B 27 0.41 -6.72 3.16
CA GLY B 27 1.51 -7.40 2.52
C GLY B 27 1.71 -8.77 3.12
N VAL B 28 2.33 -9.66 2.35
CA VAL B 28 2.61 -11.02 2.82
C VAL B 28 4.08 -11.38 2.53
N ARG B 29 4.76 -11.88 3.56
CA ARG B 29 6.10 -12.46 3.42
C ARG B 29 6.03 -13.98 3.57
N ALA B 30 6.72 -14.67 2.67
CA ALA B 30 6.95 -16.08 2.79
C ALA B 30 8.08 -16.28 3.79
N VAL B 31 7.84 -17.08 4.83
CA VAL B 31 8.80 -17.30 5.89
C VAL B 31 9.10 -18.77 6.11
N GLN B 32 10.38 -19.09 6.07
CA GLN B 32 10.84 -20.46 6.27
C GLN B 32 11.39 -20.71 7.66
N SER B 33 10.81 -21.69 8.33
CA SER B 33 11.29 -22.16 9.64
C SER B 33 11.10 -23.66 9.69
N ASP B 34 12.10 -24.38 10.17
CA ASP B 34 12.01 -25.84 10.24
C ASP B 34 11.86 -26.40 8.80
N GLY B 35 12.26 -25.64 7.79
CA GLY B 35 12.17 -26.15 6.42
C GLY B 35 10.76 -26.07 5.83
N GLN B 36 9.77 -25.59 6.61
CA GLN B 36 8.42 -25.36 6.07
C GLN B 36 8.16 -23.86 5.95
N ILE B 37 7.49 -23.51 4.86
CA ILE B 37 7.24 -22.14 4.50
C ILE B 37 5.82 -21.68 4.89
N MET B 38 5.73 -20.69 5.77
CA MET B 38 4.46 -20.10 6.21
C MET B 38 4.30 -18.69 5.60
N PHE B 39 3.12 -18.09 5.74
CA PHE B 39 2.87 -16.79 5.13
C PHE B 39 2.41 -15.83 6.21
N LEU B 40 3.17 -14.75 6.34
CA LEU B 40 3.02 -13.80 7.44
C LEU B 40 2.60 -12.39 6.93
N SER B 41 1.65 -11.78 7.60
CA SER B 41 1.15 -10.46 7.24
C SER B 41 2.22 -9.44 7.61
N GLU B 42 2.14 -8.22 7.02
CA GLU B 42 3.22 -7.25 7.11
C GLU B 42 3.48 -6.87 8.54
N ASN B 43 2.45 -6.88 9.37
CA ASN B 43 2.61 -6.50 10.78
C ASN B 43 2.89 -7.70 11.69
N GLY B 44 3.02 -8.88 11.09
CA GLY B 44 3.37 -10.08 11.84
C GLY B 44 2.20 -10.55 12.70
N ARG B 45 1.01 -10.02 12.42
CA ARG B 45 -0.19 -10.34 13.19
C ARG B 45 -0.78 -11.69 12.75
N PHE B 46 -0.85 -11.95 11.44
CA PHE B 46 -1.46 -13.17 10.94
C PHE B 46 -0.41 -14.10 10.32
N VAL B 47 -0.52 -15.38 10.62
CA VAL B 47 0.26 -16.39 9.94
C VAL B 47 -0.68 -17.34 9.23
N ILE B 48 -0.38 -17.65 7.98
CA ILE B 48 -1.16 -18.62 7.20
C ILE B 48 -0.33 -19.86 6.91
N SER B 49 -0.78 -21.01 7.41
CA SER B 49 -0.13 -22.29 7.15
C SER B 49 -0.84 -23.02 6.02
N GLY B 50 -0.10 -23.35 4.96
CA GLY B 50 -0.68 -23.99 3.79
C GLY B 50 0.21 -23.83 2.58
N GLN B 51 -0.38 -23.91 1.41
CA GLN B 51 0.33 -23.86 0.13
C GLN B 51 -0.13 -22.64 -0.71
N ILE B 52 0.81 -22.04 -1.44
CA ILE B 52 0.50 -20.92 -2.32
C ILE B 52 0.59 -21.36 -3.78
N TYR B 53 -0.31 -20.84 -4.59
CA TYR B 53 -0.36 -21.19 -6.00
C TYR B 53 -0.42 -19.90 -6.80
N ASP B 54 0.40 -19.83 -7.85
CA ASP B 54 0.47 -18.68 -8.75
C ASP B 54 -0.48 -18.92 -9.91
N LEU B 55 -1.58 -18.19 -9.93
CA LEU B 55 -2.60 -18.41 -10.96
C LEU B 55 -2.21 -17.80 -12.31
N TRP B 56 -1.30 -16.85 -12.33
CA TRP B 56 -0.91 -16.27 -13.61
C TRP B 56 0.00 -17.22 -14.39
N SER B 57 0.95 -17.82 -13.68
CA SER B 57 1.84 -18.78 -14.32
C SER B 57 1.27 -20.20 -14.19
N LYS B 58 0.18 -20.34 -13.43
CA LYS B 58 -0.53 -21.63 -13.24
C LYS B 58 0.44 -22.71 -12.72
N LYS B 59 1.13 -22.40 -11.65
CA LYS B 59 2.01 -23.36 -11.04
C LYS B 59 2.14 -23.08 -9.55
N PRO B 60 2.38 -24.14 -8.77
CA PRO B 60 2.58 -23.89 -7.33
C PRO B 60 3.99 -23.40 -7.02
N LEU B 61 4.11 -22.70 -5.89
CA LEU B 61 5.38 -22.25 -5.40
C LEU B 61 5.66 -23.06 -4.11
N ASN B 62 6.74 -23.86 -4.16
CA ASN B 62 7.09 -24.87 -3.14
C ASN B 62 8.42 -24.59 -2.41
N THR B 63 9.26 -23.74 -2.99
CA THR B 63 10.56 -23.39 -2.43
C THR B 63 10.68 -21.89 -2.30
N MET B 64 11.62 -21.45 -1.44
CA MET B 64 11.91 -20.05 -1.22
C MET B 64 12.53 -19.43 -2.47
N SER B 65 13.19 -20.26 -3.27
CA SER B 65 13.71 -19.81 -4.54
C SER B 65 12.60 -19.35 -5.49
N GLN B 66 11.46 -20.03 -5.42
CA GLN B 66 10.32 -19.70 -6.26
C GLN B 66 9.63 -18.43 -5.78
N MET B 67 9.61 -18.26 -4.46
CA MET B 67 9.09 -17.05 -3.85
C MET B 67 9.92 -15.86 -4.33
N ARG B 68 11.23 -16.00 -4.23
CA ARG B 68 12.18 -14.98 -4.67
C ARG B 68 11.97 -14.69 -6.17
N ASP B 69 11.69 -15.72 -6.95
CA ASP B 69 11.51 -15.51 -8.36
C ASP B 69 10.28 -14.61 -8.64
N VAL B 70 9.12 -14.87 -8.01
CA VAL B 70 7.95 -14.01 -8.28
C VAL B 70 8.11 -12.60 -7.68
N ALA B 71 8.92 -12.50 -6.64
CA ALA B 71 9.23 -11.19 -6.07
C ALA B 71 10.15 -10.33 -6.97
N GLU B 72 11.07 -10.97 -7.69
CA GLU B 72 12.16 -10.26 -8.34
C GLU B 72 12.09 -10.22 -9.87
N ARG B 73 11.26 -11.08 -10.45
CA ARG B 73 11.25 -11.27 -11.89
C ARG B 73 9.88 -11.33 -12.55
N ILE B 74 9.87 -11.05 -13.84
CA ILE B 74 8.66 -11.11 -14.63
C ILE B 74 8.93 -12.01 -15.84
N HIS B 75 8.15 -13.07 -15.95
CA HIS B 75 8.30 -14.02 -17.03
C HIS B 75 7.04 -13.90 -17.89
N PHE B 76 7.15 -13.17 -18.98
CA PHE B 76 5.96 -12.86 -19.76
C PHE B 76 5.35 -14.12 -20.37
N LYS B 77 6.18 -14.98 -20.93
CA LYS B 77 5.65 -16.13 -21.60
C LYS B 77 5.01 -17.09 -20.61
N SER B 78 5.65 -17.26 -19.47
CA SER B 78 5.11 -18.18 -18.47
C SER B 78 3.74 -17.73 -17.97
N MET B 79 3.54 -16.41 -17.93
CA MET B 79 2.33 -15.82 -17.38
C MET B 79 1.30 -15.60 -18.48
N GLY B 80 1.62 -16.04 -19.69
CA GLY B 80 0.72 -15.94 -20.82
C GLY B 80 0.53 -14.53 -21.39
N MET B 81 1.55 -13.70 -21.27
CA MET B 81 1.50 -12.31 -21.74
C MET B 81 2.34 -12.20 -22.99
N ASP B 82 1.71 -11.82 -24.08
CA ASP B 82 2.42 -11.56 -25.34
C ASP B 82 2.59 -10.05 -25.54
N VAL B 83 3.81 -9.56 -25.31
CA VAL B 83 4.08 -8.13 -25.35
C VAL B 83 3.88 -7.54 -26.73
N ASP B 84 3.91 -8.38 -27.75
CA ASP B 84 3.81 -7.88 -29.10
C ASP B 84 2.41 -7.37 -29.41
N THR B 85 1.43 -7.79 -28.61
CA THR B 85 0.05 -7.36 -28.81
C THR B 85 -0.22 -5.99 -28.20
N LEU B 86 0.76 -5.46 -27.46
CA LEU B 86 0.60 -4.17 -26.80
C LEU B 86 1.09 -3.03 -27.69
N ASN B 87 1.08 -1.81 -27.16
CA ASN B 87 1.56 -0.66 -27.93
C ASN B 87 3.08 -0.68 -27.93
N THR B 88 3.60 -1.54 -28.78
CA THR B 88 5.00 -1.91 -28.78
C THR B 88 5.67 -1.64 -30.12
N VAL B 89 6.94 -1.21 -30.02
CA VAL B 89 7.79 -1.09 -31.18
C VAL B 89 9.04 -1.88 -30.87
N SER B 90 9.47 -2.65 -31.86
CA SER B 90 10.62 -3.53 -31.69
C SER B 90 11.87 -2.94 -32.34
N MET B 91 13.01 -3.26 -31.76
CA MET B 91 14.31 -2.89 -32.31
C MET B 91 15.33 -3.97 -32.08
N GLY B 92 15.98 -4.42 -33.15
CA GLY B 92 17.04 -5.41 -33.04
C GLY B 92 16.66 -6.76 -33.60
N ARG B 93 17.63 -7.67 -33.59
CA ARG B 93 17.46 -8.99 -34.20
C ARG B 93 18.06 -10.11 -33.35
N GLY B 94 18.59 -9.77 -32.17
CA GLY B 94 19.18 -10.78 -31.31
C GLY B 94 18.17 -11.82 -30.82
N ASP B 95 18.69 -12.98 -30.45
CA ASP B 95 17.85 -14.13 -30.09
C ASP B 95 17.29 -14.03 -28.66
N LYS B 96 17.82 -13.07 -27.90
CA LYS B 96 17.39 -12.82 -26.52
C LYS B 96 16.48 -11.59 -26.48
N GLU B 97 15.37 -11.71 -25.77
CA GLU B 97 14.35 -10.67 -25.74
C GLU B 97 14.54 -9.73 -24.57
N VAL B 98 14.60 -8.44 -24.87
CA VAL B 98 14.65 -7.41 -23.83
C VAL B 98 13.39 -6.57 -23.88
N VAL B 99 12.72 -6.42 -22.75
CA VAL B 99 11.50 -5.58 -22.67
C VAL B 99 11.79 -4.32 -21.87
N VAL B 100 11.39 -3.20 -22.43
CA VAL B 100 11.57 -1.90 -21.80
C VAL B 100 10.26 -1.08 -21.85
N PHE B 101 9.73 -0.75 -20.70
CA PHE B 101 8.58 0.14 -20.61
C PHE B 101 9.07 1.56 -20.63
N VAL B 102 8.49 2.37 -21.52
CA VAL B 102 8.88 3.76 -21.67
C VAL B 102 7.67 4.69 -21.82
N ASP B 103 7.87 5.95 -21.41
CA ASP B 103 6.93 7.04 -21.66
C ASP B 103 7.50 7.90 -22.81
N PRO B 104 6.66 8.32 -23.76
CA PRO B 104 7.17 9.06 -24.91
C PRO B 104 7.98 10.30 -24.59
N ARG B 105 7.76 10.93 -23.43
CA ARG B 105 8.45 12.19 -23.15
C ARG B 105 9.65 12.05 -22.23
N CYS B 106 9.91 10.84 -21.78
CA CYS B 106 10.96 10.59 -20.81
CA CYS B 106 10.96 10.58 -20.80
C CYS B 106 12.33 10.62 -21.46
N ALA B 107 13.15 11.59 -21.04
CA ALA B 107 14.44 11.81 -21.71
C ALA B 107 15.41 10.67 -21.36
N VAL B 108 15.31 10.15 -20.15
CA VAL B 108 16.08 9.00 -19.69
C VAL B 108 15.71 7.77 -20.52
N CYS B 109 14.44 7.62 -20.85
CA CYS B 109 14.02 6.51 -21.68
CA CYS B 109 14.01 6.50 -21.67
C CYS B 109 14.65 6.59 -23.06
N HIS B 110 14.64 7.79 -23.65
CA HIS B 110 15.27 8.04 -24.95
C HIS B 110 16.79 7.68 -24.96
N GLN B 111 17.50 8.06 -23.90
CA GLN B 111 18.93 7.74 -23.79
C GLN B 111 19.16 6.25 -23.66
N LEU B 112 18.26 5.56 -22.97
CA LEU B 112 18.38 4.13 -22.82
C LEU B 112 18.19 3.49 -24.19
N MET B 113 17.23 4.03 -24.94
CA MET B 113 16.96 3.52 -26.28
C MET B 113 18.20 3.73 -27.17
N GLY B 114 18.94 4.81 -26.95
CA GLY B 114 20.14 5.07 -27.73
C GLY B 114 21.21 4.03 -27.42
N ASP B 115 21.44 3.79 -26.13
CA ASP B 115 22.41 2.81 -25.66
C ASP B 115 22.08 1.40 -26.16
N ALA B 116 20.81 1.14 -26.41
CA ALA B 116 20.37 -0.18 -26.85
C ALA B 116 20.74 -0.43 -28.30
N LYS B 117 20.91 0.65 -29.07
CA LYS B 117 21.23 0.52 -30.49
C LYS B 117 22.54 -0.23 -30.68
N SER B 118 23.41 -0.16 -29.68
CA SER B 118 24.72 -0.79 -29.75
C SER B 118 24.67 -2.26 -29.41
N LEU B 119 23.47 -2.79 -29.14
CA LEU B 119 23.35 -4.14 -28.63
C LEU B 119 22.34 -4.97 -29.44
N VAL B 120 22.00 -4.46 -30.63
CA VAL B 120 20.96 -5.07 -31.46
C VAL B 120 21.28 -6.46 -32.04
N ASP B 121 22.56 -6.85 -32.08
CA ASP B 121 22.92 -8.21 -32.52
C ASP B 121 22.74 -9.21 -31.37
N ASP B 122 22.90 -8.76 -30.13
CA ASP B 122 22.84 -9.69 -28.99
C ASP B 122 21.42 -9.74 -28.40
N TYR B 123 20.66 -8.67 -28.61
CA TYR B 123 19.30 -8.59 -28.05
C TYR B 123 18.31 -8.01 -29.06
N THR B 124 17.06 -8.40 -28.91
CA THR B 124 15.95 -7.75 -29.61
C THR B 124 15.14 -7.05 -28.57
N PHE B 125 15.07 -5.73 -28.68
CA PHE B 125 14.42 -4.89 -27.68
C PHE B 125 12.96 -4.62 -27.99
N LYS B 126 12.09 -4.82 -27.01
CA LYS B 126 10.67 -4.46 -27.11
C LYS B 126 10.40 -3.20 -26.29
N PHE B 127 10.17 -2.08 -26.97
CA PHE B 127 9.87 -0.84 -26.27
C PHE B 127 8.34 -0.72 -26.10
N ILE B 128 7.87 -0.89 -24.88
CA ILE B 128 6.46 -0.87 -24.61
C ILE B 128 6.07 0.51 -24.13
N VAL B 129 5.28 1.19 -24.96
CA VAL B 129 4.99 2.60 -24.71
C VAL B 129 3.76 2.78 -23.84
N ILE B 130 3.97 3.38 -22.67
CA ILE B 130 2.91 3.72 -21.73
C ILE B 130 2.93 5.22 -21.40
N PRO B 131 1.74 5.87 -21.39
CA PRO B 131 1.57 7.28 -20.99
C PRO B 131 1.34 7.41 -19.51
N ALA B 132 2.44 7.38 -18.77
CA ALA B 132 2.43 7.42 -17.32
C ALA B 132 2.69 8.81 -16.81
N LEU B 133 3.07 9.73 -17.69
CA LEU B 133 3.58 11.01 -17.22
C LEU B 133 2.66 12.15 -17.58
N GLY B 134 1.44 11.83 -17.98
CA GLY B 134 0.44 12.88 -18.07
C GLY B 134 -0.27 12.99 -19.38
N ALA B 135 -0.85 14.16 -19.60
CA ALA B 135 -1.76 14.39 -20.71
C ALA B 135 -1.07 14.38 -22.05
N GLU B 136 0.05 15.08 -22.19
CA GLU B 136 0.77 15.07 -23.48
C GLU B 136 1.31 13.66 -23.77
N SER B 137 1.78 12.96 -22.75
CA SER B 137 2.26 11.61 -22.97
C SER B 137 1.16 10.76 -23.53
N ASN B 138 -0.06 10.96 -23.03
CA ASN B 138 -1.16 10.13 -23.48
C ASN B 138 -1.47 10.46 -24.93
N ARG B 139 -1.38 11.73 -25.29
CA ARG B 139 -1.63 12.10 -26.68
C ARG B 139 -0.62 11.43 -27.60
N LEU B 140 0.65 11.51 -27.24
CA LEU B 140 1.71 10.94 -28.07
C LEU B 140 1.58 9.41 -28.20
N ALA B 141 1.20 8.75 -27.11
CA ALA B 141 1.04 7.30 -27.14
C ALA B 141 -0.13 6.86 -28.05
N LYS B 142 -1.22 7.64 -28.06
CA LYS B 142 -2.39 7.33 -28.92
C LYS B 142 -2.00 7.48 -30.37
N ASN B 143 -1.23 8.55 -30.64
CA ASN B 143 -0.72 8.82 -31.99
C ASN B 143 0.07 7.64 -32.50
N LEU B 144 0.87 7.03 -31.63
CA LEU B 144 1.59 5.84 -32.03
C LEU B 144 0.65 4.69 -32.26
N TYR B 145 -0.29 4.50 -31.34
CA TYR B 145 -1.22 3.39 -31.44
C TYR B 145 -2.07 3.51 -32.69
N CYS B 146 -2.56 4.73 -32.93
CA CYS B 146 -3.48 5.01 -34.04
C CYS B 146 -2.74 5.37 -35.33
N ALA B 147 -1.47 5.04 -35.39
CA ALA B 147 -0.65 5.40 -36.55
C ALA B 147 -0.96 4.55 -37.77
N LYS B 148 -1.18 5.22 -38.91
CA LYS B 148 -1.44 4.56 -40.18
C LYS B 148 -0.16 3.99 -40.75
N ASP B 149 0.94 4.74 -40.59
CA ASP B 149 2.26 4.31 -41.07
C ASP B 149 3.25 4.15 -39.90
N LYS B 150 3.62 2.91 -39.60
CA LYS B 150 4.52 2.60 -38.48
C LYS B 150 5.99 2.43 -38.90
N THR B 151 6.31 2.83 -40.13
CA THR B 151 7.66 2.70 -40.69
C THR B 151 8.69 3.47 -39.86
N HIS B 152 8.34 4.69 -39.49
CA HIS B 152 9.24 5.57 -38.76
C HIS B 152 8.89 5.62 -37.26
N ALA B 153 8.14 4.63 -36.77
CA ALA B 153 7.67 4.63 -35.37
C ALA B 153 8.76 4.59 -34.32
N LEU B 154 9.76 3.74 -34.55
CA LEU B 154 10.89 3.66 -33.66
C LEU B 154 11.62 5.00 -33.61
N ASP B 155 11.86 5.57 -34.78
CA ASP B 155 12.58 6.84 -34.86
C ASP B 155 11.83 7.96 -34.13
N ALA B 156 10.52 8.05 -34.38
CA ALA B 156 9.71 9.09 -33.78
C ALA B 156 9.71 8.95 -32.29
N LEU B 157 9.68 7.72 -31.82
CA LEU B 157 9.71 7.47 -30.38
C LEU B 157 11.03 7.99 -29.76
N MET B 158 12.18 7.64 -30.34
CA MET B 158 13.47 8.09 -29.80
C MET B 158 13.67 9.59 -29.91
N ASN B 159 13.11 10.21 -30.95
CA ASN B 159 13.29 11.65 -31.18
C ASN B 159 12.11 12.52 -30.72
N ASN B 160 11.14 11.88 -30.09
CA ASN B 160 9.97 12.59 -29.56
C ASN B 160 9.23 13.39 -30.63
N THR B 161 8.88 12.71 -31.71
CA THR B 161 8.17 13.31 -32.83
C THR B 161 7.00 12.41 -33.17
N LEU B 162 6.39 11.81 -32.16
CA LEU B 162 5.29 10.88 -32.42
C LEU B 162 4.07 11.65 -32.93
N GLY B 163 4.00 12.94 -32.59
CA GLY B 163 2.84 13.74 -32.96
C GLY B 163 2.71 13.92 -34.45
N SER B 164 3.81 13.77 -35.16
CA SER B 164 3.80 14.03 -36.58
C SER B 164 3.78 12.72 -37.33
N LEU B 165 2.91 11.82 -36.90
CA LEU B 165 2.67 10.58 -37.59
C LEU B 165 1.21 10.56 -38.06
N PRO B 166 0.96 10.10 -39.32
CA PRO B 166 -0.40 10.17 -39.85
C PRO B 166 -1.34 9.22 -39.15
N SER B 167 -2.42 9.76 -38.60
CA SER B 167 -3.36 8.93 -37.84
C SER B 167 -4.34 8.20 -38.74
N LYS B 168 -4.67 6.96 -38.39
CA LYS B 168 -5.75 6.25 -39.06
C LYS B 168 -7.04 6.97 -38.74
N GLU B 169 -7.91 7.10 -39.73
CA GLU B 169 -9.25 7.54 -39.42
C GLU B 169 -9.88 6.33 -38.74
N THR B 170 -10.77 6.57 -37.79
CA THR B 170 -11.52 5.49 -37.15
C THR B 170 -10.59 4.72 -36.21
N CYS B 171 -9.90 5.48 -35.35
CA CYS B 171 -9.14 4.91 -34.25
C CYS B 171 -9.63 5.59 -32.99
N ASP B 172 -10.15 4.81 -32.04
CA ASP B 172 -10.69 5.37 -30.80
C ASP B 172 -10.55 4.35 -29.68
N PRO B 173 -9.44 4.40 -28.96
CA PRO B 173 -9.11 3.45 -27.89
C PRO B 173 -9.68 3.87 -26.52
N GLY B 174 -10.41 4.98 -26.50
CA GLY B 174 -10.88 5.58 -25.25
C GLY B 174 -9.80 6.38 -24.55
N GLN B 175 -10.15 6.95 -23.39
CA GLN B 175 -9.22 7.82 -22.64
C GLN B 175 -8.19 6.99 -21.83
N TYR B 176 -8.53 5.74 -21.54
CA TYR B 176 -7.64 4.87 -20.77
C TYR B 176 -6.79 3.90 -21.64
N ASP B 177 -5.50 4.19 -21.65
CA ASP B 177 -4.54 3.38 -22.41
C ASP B 177 -4.46 1.91 -21.87
N GLN B 178 -4.73 0.97 -22.75
CA GLN B 178 -4.75 -0.45 -22.40
CA GLN B 178 -4.75 -0.45 -22.41
C GLN B 178 -3.37 -0.96 -22.02
N THR B 179 -2.33 -0.39 -22.63
CA THR B 179 -0.95 -0.81 -22.33
C THR B 179 -0.58 -0.39 -20.92
N LEU B 180 -1.01 0.80 -20.54
CA LEU B 180 -0.79 1.34 -19.20
C LEU B 180 -1.51 0.53 -18.13
N LEU B 181 -2.74 0.19 -18.46
CA LEU B 181 -3.59 -0.58 -17.59
C LEU B 181 -2.93 -1.94 -17.27
N THR B 182 -2.52 -2.64 -18.32
CA THR B 182 -1.78 -3.88 -18.19
C THR B 182 -0.50 -3.70 -17.39
N ALA B 183 0.28 -2.67 -17.77
CA ALA B 183 1.57 -2.38 -17.10
C ALA B 183 1.36 -2.16 -15.61
N HIS B 184 0.32 -1.39 -15.29
CA HIS B 184 0.03 -1.13 -13.90
C HIS B 184 -0.39 -2.42 -13.14
N PHE B 185 -1.14 -3.28 -13.81
CA PHE B 185 -1.72 -4.45 -13.19
C PHE B 185 -0.63 -5.42 -12.78
N ILE B 186 0.31 -5.67 -13.69
CA ILE B 186 1.40 -6.63 -13.48
C ILE B 186 2.56 -6.06 -12.64
N GLY B 187 2.45 -4.82 -12.19
CA GLY B 187 3.36 -4.27 -11.21
C GLY B 187 4.55 -3.48 -11.76
N ILE B 188 4.39 -2.87 -12.93
CA ILE B 188 5.40 -1.97 -13.49
C ILE B 188 5.38 -0.65 -12.75
N GLU B 189 6.51 -0.33 -12.13
CA GLU B 189 6.67 0.91 -11.37
C GLU B 189 7.64 1.85 -12.09
N GLY B 190 7.14 3.04 -12.43
CA GLY B 190 7.96 4.07 -13.04
C GLY B 190 8.51 3.76 -14.43
N VAL B 191 9.18 4.72 -15.05
CA VAL B 191 9.81 4.47 -16.33
C VAL B 191 11.22 5.07 -16.33
N PRO B 192 12.16 4.46 -17.06
CA PRO B 192 12.04 3.22 -17.84
C PRO B 192 12.06 2.05 -16.89
N PHE B 193 11.43 0.97 -17.33
CA PHE B 193 11.37 -0.24 -16.58
C PHE B 193 11.86 -1.35 -17.46
N VAL B 194 12.96 -1.98 -17.08
CA VAL B 194 13.61 -2.96 -17.94
C VAL B 194 13.42 -4.36 -17.41
N VAL B 195 13.08 -5.26 -18.32
CA VAL B 195 13.04 -6.67 -18.00
C VAL B 195 14.06 -7.42 -18.84
N ALA B 196 15.04 -8.01 -18.17
CA ALA B 196 16.10 -8.75 -18.83
C ALA B 196 15.54 -10.02 -19.43
N PRO B 197 16.29 -10.67 -20.34
CA PRO B 197 15.84 -11.94 -20.94
C PRO B 197 15.53 -13.06 -19.91
N ASP B 198 16.21 -13.05 -18.76
CA ASP B 198 15.97 -14.05 -17.73
C ASP B 198 14.95 -13.57 -16.66
N GLY B 199 14.38 -12.37 -16.87
CA GLY B 199 13.30 -11.89 -16.01
C GLY B 199 13.66 -10.85 -14.96
N ARG B 200 14.94 -10.66 -14.72
CA ARG B 200 15.39 -9.66 -13.76
C ARG B 200 14.86 -8.29 -14.17
N VAL B 201 14.48 -7.48 -13.20
CA VAL B 201 13.90 -6.20 -13.48
C VAL B 201 14.81 -5.11 -12.96
N SER B 202 14.90 -4.03 -13.74
CA SER B 202 15.53 -2.78 -13.28
C SER B 202 14.54 -1.64 -13.25
N LYS B 203 14.31 -1.04 -12.08
CA LYS B 203 13.49 0.16 -11.99
C LYS B 203 14.29 1.40 -12.31
N GLY B 204 14.33 1.77 -13.57
CA GLY B 204 15.16 2.88 -14.02
C GLY B 204 16.27 2.37 -14.92
N ARG B 205 17.04 3.33 -15.43
CA ARG B 205 18.13 3.04 -16.33
C ARG B 205 19.28 2.45 -15.52
N PRO B 206 19.68 1.21 -15.83
CA PRO B 206 20.80 0.64 -15.07
C PRO B 206 22.09 1.37 -15.36
N LYS B 207 23.04 1.29 -14.44
CA LYS B 207 24.34 1.92 -14.62
C LYS B 207 24.94 1.47 -15.93
N ASN B 208 25.01 0.15 -16.13
CA ASN B 208 25.51 -0.39 -17.38
C ASN B 208 24.58 -1.44 -17.95
N LEU B 209 23.89 -1.04 -19.01
CA LEU B 209 22.86 -1.87 -19.61
C LEU B 209 23.42 -3.20 -20.11
N LYS B 210 24.56 -3.12 -20.79
CA LYS B 210 25.18 -4.30 -21.40
C LYS B 210 25.50 -5.39 -20.39
N SER B 211 26.19 -5.02 -19.30
CA SER B 211 26.59 -6.00 -18.33
C SER B 211 25.37 -6.43 -17.50
N TRP B 212 24.43 -5.52 -17.30
CA TRP B 212 23.26 -5.83 -16.50
C TRP B 212 22.42 -6.87 -17.23
N LEU B 213 22.30 -6.72 -18.55
CA LEU B 213 21.53 -7.67 -19.37
C LEU B 213 22.11 -9.08 -19.36
N GLU B 214 23.43 -9.18 -19.16
CA GLU B 214 24.15 -10.47 -19.15
C GLU B 214 23.99 -11.22 -17.81
N SER B 215 22.74 -11.51 -17.43
CA SER B 215 22.44 -12.31 -16.24
C SER B 215 23.16 -11.84 -14.97
N ALA C 15 -2.13 26.40 15.65
CA ALA C 15 -3.38 26.36 14.88
C ALA C 15 -4.02 24.99 14.94
N LYS C 16 -5.30 24.91 14.61
CA LYS C 16 -6.06 23.66 14.69
C LYS C 16 -6.22 22.99 13.31
N ILE C 17 -6.33 21.66 13.30
CA ILE C 17 -6.53 20.90 12.06
C ILE C 17 -8.02 20.61 11.87
N GLU C 18 -8.63 21.29 10.91
CA GLU C 18 -10.07 21.32 10.78
C GLU C 18 -10.70 20.10 10.06
N ASP C 19 -9.94 19.47 9.17
CA ASP C 19 -10.48 18.39 8.33
C ASP C 19 -9.40 17.64 7.63
N ILE C 20 -9.61 16.33 7.45
CA ILE C 20 -8.68 15.44 6.77
C ILE C 20 -9.44 14.49 5.87
N VAL C 21 -8.89 14.27 4.68
CA VAL C 21 -9.45 13.36 3.68
C VAL C 21 -8.29 12.59 3.08
N GLU C 22 -8.43 11.28 3.08
CA GLU C 22 -7.45 10.41 2.48
C GLU C 22 -7.76 10.41 1.00
N LEU C 23 -6.77 10.77 0.18
CA LEU C 23 -6.98 10.82 -1.27
C LEU C 23 -6.65 9.46 -1.87
N PRO C 24 -7.28 9.13 -3.01
CA PRO C 24 -6.92 7.84 -3.63
C PRO C 24 -5.58 7.90 -4.36
N ILE C 25 -4.50 7.99 -3.58
CA ILE C 25 -3.11 8.08 -4.06
C ILE C 25 -2.24 7.05 -3.32
N LYS C 26 -1.62 6.13 -4.10
CA LYS C 26 -0.79 5.05 -3.56
C LYS C 26 0.69 5.32 -3.77
N GLY C 27 1.05 6.35 -4.51
CA GLY C 27 2.46 6.68 -4.72
C GLY C 27 2.61 8.04 -5.35
N VAL C 28 3.80 8.61 -5.20
CA VAL C 28 4.08 9.89 -5.82
C VAL C 28 5.49 9.99 -6.41
N ARG C 29 5.57 10.46 -7.66
CA ARG C 29 6.83 10.85 -8.29
C ARG C 29 7.03 12.33 -8.63
N ALA C 30 8.24 12.81 -8.35
CA ALA C 30 8.68 14.11 -8.78
C ALA C 30 9.13 14.06 -10.21
N VAL C 31 8.58 14.97 -11.04
CA VAL C 31 8.86 15.02 -12.45
C VAL C 31 9.34 16.42 -12.82
N GLN C 32 10.47 16.51 -13.50
CA GLN C 32 11.00 17.80 -13.92
C GLN C 32 10.77 18.06 -15.38
N SER C 33 10.08 19.15 -15.68
CA SER C 33 9.92 19.58 -17.06
C SER C 33 9.88 21.11 -17.07
N ASP C 34 10.51 21.69 -18.08
CA ASP C 34 10.55 23.15 -18.20
C ASP C 34 11.28 23.80 -17.02
N GLY C 35 12.17 23.05 -16.40
CA GLY C 35 12.94 23.55 -15.27
C GLY C 35 12.12 23.58 -13.98
N GLN C 36 10.83 23.24 -14.05
CA GLN C 36 10.06 23.12 -12.81
C GLN C 36 9.70 21.65 -12.49
N ILE C 37 9.69 21.40 -11.19
CA ILE C 37 9.38 20.09 -10.62
C ILE C 37 7.91 20.00 -10.16
N MET C 38 7.11 19.15 -10.80
CA MET C 38 5.75 18.83 -10.36
C MET C 38 5.72 17.44 -9.75
N PHE C 39 4.58 17.11 -9.17
CA PHE C 39 4.38 15.85 -8.45
C PHE C 39 3.17 15.11 -9.00
N LEU C 40 3.40 13.90 -9.50
CA LEU C 40 2.40 13.14 -10.19
C LEU C 40 2.14 11.88 -9.36
N SER C 41 0.87 11.51 -9.16
CA SER C 41 0.52 10.34 -8.39
C SER C 41 0.92 9.21 -9.32
N GLU C 42 1.16 8.01 -8.77
CA GLU C 42 1.82 6.91 -9.48
C GLU C 42 1.03 6.38 -10.65
N ASN C 43 -0.29 6.46 -10.59
CA ASN C 43 -1.05 5.98 -11.71
C ASN C 43 -1.33 7.08 -12.77
N GLY C 44 -0.76 8.27 -12.56
CA GLY C 44 -0.89 9.40 -13.50
C GLY C 44 -2.21 10.15 -13.41
N ARG C 45 -2.96 9.94 -12.33
CA ARG C 45 -4.27 10.56 -12.18
C ARG C 45 -4.24 12.02 -11.74
N PHE C 46 -3.40 12.31 -10.74
CA PHE C 46 -3.30 13.61 -10.09
C PHE C 46 -1.98 14.29 -10.37
N VAL C 47 -2.05 15.60 -10.63
CA VAL C 47 -0.81 16.38 -10.65
C VAL C 47 -0.90 17.46 -9.56
N ILE C 48 0.16 17.54 -8.76
CA ILE C 48 0.29 18.57 -7.72
C ILE C 48 1.42 19.52 -8.09
N SER C 49 1.06 20.80 -8.29
CA SER C 49 1.99 21.90 -8.51
C SER C 49 2.23 22.62 -7.19
N GLY C 50 3.48 22.70 -6.74
CA GLY C 50 3.75 23.35 -5.47
C GLY C 50 5.14 23.03 -4.90
N GLN C 51 5.30 23.21 -3.59
CA GLN C 51 6.56 23.05 -2.94
C GLN C 51 6.49 21.85 -1.95
N ILE C 52 7.53 21.01 -1.89
CA ILE C 52 7.54 19.90 -0.92
C ILE C 52 8.54 20.17 0.18
N TYR C 53 8.15 19.78 1.39
CA TYR C 53 9.00 20.04 2.55
C TYR C 53 9.21 18.73 3.26
N ASP C 54 10.45 18.51 3.66
CA ASP C 54 10.81 17.34 4.40
C ASP C 54 10.77 17.69 5.86
N LEU C 55 9.77 17.19 6.56
CA LEU C 55 9.59 17.57 7.95
C LEU C 55 10.64 16.86 8.85
N TRP C 56 11.26 15.77 8.38
CA TRP C 56 12.28 15.11 9.22
C TRP C 56 13.58 15.90 9.24
N SER C 57 13.96 16.45 8.11
CA SER C 57 15.14 17.29 8.05
C SER C 57 14.75 18.73 8.24
N LYS C 58 13.45 19.02 8.16
CA LYS C 58 12.95 20.40 8.30
C LYS C 58 13.54 21.29 7.20
N LYS C 59 13.47 20.84 5.96
CA LYS C 59 13.94 21.67 4.88
C LYS C 59 13.13 21.45 3.61
N PRO C 60 13.05 22.50 2.77
CA PRO C 60 12.35 22.29 1.51
C PRO C 60 13.21 21.52 0.51
N LEU C 61 12.59 20.81 -0.45
CA LEU C 61 13.30 20.07 -1.47
C LEU C 61 13.02 20.80 -2.78
N ASN C 62 14.11 21.28 -3.39
CA ASN C 62 13.98 22.18 -4.53
C ASN C 62 14.56 21.60 -5.78
N THR C 63 15.44 20.59 -5.65
CA THR C 63 16.06 19.95 -6.79
C THR C 63 15.81 18.46 -6.83
N MET C 64 16.00 17.88 -8.00
CA MET C 64 15.87 16.45 -8.19
C MET C 64 16.96 15.68 -7.43
N SER C 65 18.15 16.28 -7.21
CA SER C 65 19.16 15.64 -6.37
C SER C 65 18.60 15.44 -4.98
N GLN C 66 17.82 16.42 -4.53
CA GLN C 66 17.29 16.35 -3.17
C GLN C 66 16.15 15.33 -3.09
N MET C 67 15.36 15.27 -4.15
CA MET C 67 14.36 14.21 -4.23
C MET C 67 15.01 12.83 -4.20
N ARG C 68 16.03 12.67 -5.03
CA ARG C 68 16.78 11.38 -5.11
C ARG C 68 17.33 11.01 -3.74
N ASP C 69 17.80 12.05 -3.07
CA ASP C 69 18.32 11.86 -1.75
C ASP C 69 17.27 11.30 -0.79
N VAL C 70 16.04 11.83 -0.73
CA VAL C 70 15.05 11.28 0.22
C VAL C 70 14.56 9.92 -0.25
N ALA C 71 14.63 9.68 -1.56
CA ALA C 71 14.28 8.38 -2.06
C ALA C 71 15.35 7.28 -1.70
N GLU C 72 16.63 7.64 -1.63
CA GLU C 72 17.71 6.68 -1.61
C GLU C 72 18.48 6.60 -0.30
N ARG C 73 18.33 7.61 0.55
CA ARG C 73 19.15 7.76 1.75
C ARG C 73 18.40 8.18 2.99
N ILE C 74 19.02 7.88 4.13
CA ILE C 74 18.62 8.31 5.47
C ILE C 74 19.79 8.94 6.20
N HIS C 75 19.60 10.16 6.70
CA HIS C 75 20.64 10.90 7.40
C HIS C 75 20.29 11.07 8.86
N PHE C 76 20.81 10.18 9.71
CA PHE C 76 20.39 10.12 11.09
C PHE C 76 20.72 11.39 11.87
N LYS C 77 21.86 12.00 11.63
CA LYS C 77 22.23 13.20 12.38
C LYS C 77 21.30 14.37 12.07
N SER C 78 20.93 14.51 10.80
CA SER C 78 20.02 15.56 10.38
C SER C 78 18.66 15.43 11.06
N MET C 79 18.34 14.21 11.49
CA MET C 79 17.08 14.01 12.17
C MET C 79 17.27 14.05 13.66
N GLY C 80 18.52 14.31 14.10
CA GLY C 80 18.84 14.41 15.51
C GLY C 80 18.79 13.06 16.25
N MET C 81 19.11 11.99 15.52
CA MET C 81 19.03 10.62 16.07
C MET C 81 20.42 10.04 16.28
N ASP C 82 20.74 9.71 17.53
CA ASP C 82 22.01 9.10 17.89
C ASP C 82 21.85 7.60 18.16
N VAL C 83 22.32 6.78 17.22
CA VAL C 83 22.15 5.35 17.31
C VAL C 83 22.89 4.72 18.49
N ASP C 84 23.87 5.40 19.04
CA ASP C 84 24.59 4.84 20.16
C ASP C 84 23.71 4.79 21.46
N THR C 85 22.63 5.56 21.50
CA THR C 85 21.75 5.58 22.68
C THR C 85 20.71 4.44 22.64
N LEU C 86 20.64 3.76 21.50
CA LEU C 86 19.65 2.69 21.27
C LEU C 86 20.17 1.31 21.64
N ASN C 87 19.39 0.27 21.33
CA ASN C 87 19.77 -1.11 21.62
C ASN C 87 20.88 -1.59 20.64
N THR C 88 22.09 -1.10 20.86
CA THR C 88 23.16 -1.19 19.86
C THR C 88 24.41 -1.87 20.35
N VAL C 89 25.02 -2.68 19.51
CA VAL C 89 26.33 -3.20 19.81
C VAL C 89 27.22 -2.88 18.60
N SER C 90 28.43 -2.38 18.86
CA SER C 90 29.31 -1.91 17.78
C SER C 90 30.40 -2.96 17.47
N MET C 91 30.77 -3.03 16.21
CA MET C 91 31.85 -3.91 15.76
C MET C 91 32.72 -3.18 14.73
N GLY C 92 34.03 -3.15 15.00
CA GLY C 92 35.02 -2.54 14.11
C GLY C 92 35.64 -1.29 14.70
N ARG C 93 36.59 -0.73 13.96
CA ARG C 93 37.29 0.46 14.43
C ARG C 93 37.56 1.54 13.34
N GLY C 94 37.08 1.30 12.12
CA GLY C 94 37.20 2.26 11.04
C GLY C 94 36.42 3.57 11.28
N ASP C 95 36.83 4.67 10.62
CA ASP C 95 36.22 6.00 10.87
C ASP C 95 34.89 6.21 10.12
N LYS C 96 34.50 5.28 9.24
CA LYS C 96 33.22 5.34 8.56
C LYS C 96 32.19 4.45 9.28
N GLU C 97 31.01 5.03 9.55
CA GLU C 97 29.96 4.40 10.32
C GLU C 97 28.89 3.71 9.46
N VAL C 98 28.64 2.44 9.75
CA VAL C 98 27.63 1.67 9.06
C VAL C 98 26.57 1.26 10.11
N VAL C 99 25.30 1.52 9.82
CA VAL C 99 24.20 1.19 10.73
C VAL C 99 23.42 0.04 10.13
N VAL C 100 23.15 -0.98 10.94
CA VAL C 100 22.40 -2.14 10.47
C VAL C 100 21.37 -2.54 11.50
N PHE C 101 20.10 -2.44 11.11
CA PHE C 101 19.02 -2.94 11.93
C PHE C 101 18.92 -4.43 11.68
N VAL C 102 18.91 -5.18 12.76
CA VAL C 102 18.88 -6.63 12.70
C VAL C 102 17.93 -7.23 13.76
N ASP C 103 17.42 -8.42 13.44
CA ASP C 103 16.64 -9.27 14.35
C ASP C 103 17.50 -10.47 14.81
N PRO C 104 17.46 -10.83 16.10
CA PRO C 104 18.31 -11.91 16.62
C PRO C 104 18.15 -13.27 15.91
N ARG C 105 16.98 -13.45 15.29
CA ARG C 105 16.58 -14.73 14.67
C ARG C 105 16.73 -14.75 13.16
N CYS C 106 17.15 -13.63 12.59
CA CYS C 106 17.33 -13.50 11.16
CA CYS C 106 17.34 -13.50 11.15
C CYS C 106 18.71 -14.05 10.69
N ALA C 107 18.70 -15.12 9.89
CA ALA C 107 19.96 -15.78 9.45
C ALA C 107 20.67 -14.91 8.40
N VAL C 108 19.87 -14.20 7.61
CA VAL C 108 20.41 -13.26 6.63
C VAL C 108 21.16 -12.16 7.36
N CYS C 109 20.66 -11.76 8.51
CA CYS C 109 21.34 -10.76 9.31
CA CYS C 109 21.32 -10.75 9.32
C CYS C 109 22.69 -11.28 9.78
N HIS C 110 22.73 -12.57 10.21
CA HIS C 110 23.91 -13.23 10.72
C HIS C 110 25.04 -13.33 9.68
N GLN C 111 24.66 -13.63 8.44
CA GLN C 111 25.57 -13.70 7.32
C GLN C 111 26.13 -12.32 7.07
N LEU C 112 25.28 -11.31 7.23
CA LEU C 112 25.73 -9.95 6.95
C LEU C 112 26.75 -9.59 8.01
N MET C 113 26.42 -9.92 9.24
CA MET C 113 27.33 -9.67 10.35
C MET C 113 28.62 -10.44 10.10
N GLY C 114 28.50 -11.61 9.48
CA GLY C 114 29.70 -12.40 9.16
C GLY C 114 30.55 -11.70 8.11
N ASP C 115 29.91 -11.23 7.04
CA ASP C 115 30.60 -10.47 6.01
C ASP C 115 31.22 -9.20 6.57
N ALA C 116 30.61 -8.67 7.62
CA ALA C 116 31.08 -7.41 8.19
C ALA C 116 32.42 -7.61 8.89
N LYS C 117 32.66 -8.81 9.39
CA LYS C 117 33.90 -9.09 10.12
C LYS C 117 35.19 -8.89 9.33
N SER C 118 35.09 -8.97 8.00
CA SER C 118 36.23 -8.77 7.11
C SER C 118 36.48 -7.28 6.82
N LEU C 119 35.67 -6.36 7.40
CA LEU C 119 35.73 -4.95 7.02
C LEU C 119 35.87 -4.05 8.21
N VAL C 120 36.18 -4.65 9.34
CA VAL C 120 36.30 -3.95 10.59
C VAL C 120 37.50 -2.98 10.61
N ASP C 121 38.46 -3.10 9.69
CA ASP C 121 39.55 -2.11 9.70
C ASP C 121 39.04 -0.74 9.11
N ASP C 122 38.11 -0.80 8.15
CA ASP C 122 37.59 0.38 7.43
C ASP C 122 36.22 0.91 7.90
N TYR C 123 35.50 0.13 8.67
CA TYR C 123 34.18 0.54 9.12
C TYR C 123 33.97 0.19 10.57
N THR C 124 33.12 0.97 11.19
CA THR C 124 32.55 0.59 12.48
C THR C 124 31.06 0.34 12.30
N PHE C 125 30.65 -0.89 12.56
CA PHE C 125 29.26 -1.32 12.32
C PHE C 125 28.47 -1.16 13.60
N LYS C 126 27.32 -0.48 13.51
CA LYS C 126 26.37 -0.28 14.60
C LYS C 126 25.18 -1.20 14.35
N PHE C 127 25.13 -2.31 15.07
CA PHE C 127 24.06 -3.29 14.97
C PHE C 127 22.95 -2.97 15.99
N ILE C 128 21.83 -2.51 15.47
CA ILE C 128 20.67 -2.08 16.28
C ILE C 128 19.72 -3.25 16.27
N VAL C 129 19.53 -3.82 17.45
CA VAL C 129 18.80 -5.09 17.59
C VAL C 129 17.30 -4.81 17.85
N ILE C 130 16.45 -5.22 16.91
CA ILE C 130 15.00 -5.03 17.01
C ILE C 130 14.26 -6.33 16.77
N PRO C 131 13.11 -6.48 17.43
CA PRO C 131 12.22 -7.62 17.25
C PRO C 131 11.33 -7.45 16.05
N ALA C 132 11.86 -7.76 14.87
CA ALA C 132 11.12 -7.54 13.63
C ALA C 132 10.38 -8.83 13.21
N LEU C 133 10.67 -9.93 13.90
CA LEU C 133 10.23 -11.26 13.49
C LEU C 133 9.38 -11.98 14.56
N GLY C 134 8.92 -11.23 15.57
CA GLY C 134 7.93 -11.75 16.49
C GLY C 134 8.28 -11.71 17.95
N ALA C 135 7.53 -12.52 18.70
CA ALA C 135 7.51 -12.52 20.15
C ALA C 135 8.82 -13.03 20.75
N GLU C 136 9.34 -14.13 20.20
CA GLU C 136 10.61 -14.69 20.67
C GLU C 136 11.79 -13.72 20.39
N SER C 137 11.75 -13.04 19.24
CA SER C 137 12.79 -12.04 18.95
C SER C 137 12.83 -10.96 20.03
N ASN C 138 11.65 -10.57 20.55
CA ASN C 138 11.60 -9.49 21.54
C ASN C 138 12.26 -9.90 22.85
N ARG C 139 12.05 -11.15 23.26
CA ARG C 139 12.68 -11.71 24.46
C ARG C 139 14.21 -11.61 24.32
N LEU C 140 14.72 -12.11 23.20
CA LEU C 140 16.14 -12.10 22.95
C LEU C 140 16.69 -10.67 22.83
N ALA C 141 15.94 -9.76 22.19
CA ALA C 141 16.43 -8.40 22.01
C ALA C 141 16.48 -7.70 23.37
N LYS C 142 15.49 -7.98 24.23
CA LYS C 142 15.47 -7.51 25.64
C LYS C 142 16.58 -8.12 26.47
N ASN C 143 16.87 -9.40 26.26
CA ASN C 143 18.00 -10.01 26.98
C ASN C 143 19.31 -9.26 26.71
N LEU C 144 19.55 -8.95 25.45
CA LEU C 144 20.75 -8.19 25.03
C LEU C 144 20.74 -6.80 25.65
N TYR C 145 19.56 -6.17 25.69
CA TYR C 145 19.38 -4.85 26.26
C TYR C 145 19.68 -4.80 27.76
N CYS C 146 19.17 -5.78 28.52
CA CYS C 146 19.31 -5.80 29.98
C CYS C 146 20.54 -6.56 30.47
N ALA C 147 21.49 -6.87 29.58
CA ALA C 147 22.64 -7.68 29.98
C ALA C 147 23.61 -6.87 30.83
N LYS C 148 23.99 -7.45 31.97
CA LYS C 148 24.93 -6.79 32.86
C LYS C 148 26.29 -6.75 32.21
N ASP C 149 26.64 -7.82 31.52
CA ASP C 149 27.90 -7.88 30.79
C ASP C 149 27.61 -7.86 29.30
N LYS C 150 27.97 -6.76 28.65
CA LYS C 150 27.77 -6.59 27.21
C LYS C 150 29.03 -6.89 26.41
N THR C 151 30.02 -7.46 27.08
CA THR C 151 31.28 -7.80 26.45
C THR C 151 31.01 -8.82 25.36
N HIS C 152 30.24 -9.85 25.72
CA HIS C 152 29.97 -10.95 24.80
C HIS C 152 28.55 -10.89 24.22
N ALA C 153 27.89 -9.76 24.36
CA ALA C 153 26.55 -9.60 23.79
C ALA C 153 26.61 -9.71 22.26
N LEU C 154 27.62 -9.06 21.67
CA LEU C 154 27.89 -9.14 20.22
C LEU C 154 28.07 -10.61 19.76
N ASP C 155 28.87 -11.35 20.51
CA ASP C 155 29.16 -12.77 20.23
C ASP C 155 27.88 -13.58 20.38
N ALA C 156 27.15 -13.30 21.46
CA ALA C 156 25.88 -13.98 21.70
C ALA C 156 24.89 -13.69 20.57
N LEU C 157 24.94 -12.47 20.04
CA LEU C 157 24.08 -12.07 18.93
C LEU C 157 24.41 -12.88 17.71
N MET C 158 25.71 -12.96 17.43
CA MET C 158 26.18 -13.72 16.27
C MET C 158 26.07 -15.21 16.40
N ASN C 159 26.23 -15.72 17.62
CA ASN C 159 26.18 -17.16 17.87
C ASN C 159 24.81 -17.62 18.38
N ASN C 160 23.87 -16.70 18.43
CA ASN C 160 22.49 -17.02 18.78
C ASN C 160 22.39 -17.70 20.16
N THR C 161 22.99 -17.06 21.18
CA THR C 161 22.99 -17.57 22.54
C THR C 161 22.51 -16.45 23.46
N LEU C 162 21.63 -15.61 22.91
CA LEU C 162 21.11 -14.44 23.62
C LEU C 162 20.13 -14.82 24.75
N GLY C 163 19.49 -15.97 24.65
CA GLY C 163 18.53 -16.33 25.68
C GLY C 163 19.18 -16.54 27.05
N SER C 164 20.49 -16.82 27.07
CA SER C 164 21.21 -17.14 28.32
C SER C 164 22.23 -16.07 28.78
N LEU C 165 21.81 -14.80 28.83
CA LEU C 165 22.68 -13.73 29.35
C LEU C 165 22.16 -13.10 30.65
N PRO C 166 23.06 -12.72 31.56
CA PRO C 166 22.71 -12.18 32.89
C PRO C 166 22.14 -10.75 32.88
N SER C 167 20.93 -10.58 33.43
CA SER C 167 20.24 -9.28 33.44
C SER C 167 20.75 -8.32 34.53
N LYS C 168 20.75 -7.03 34.21
CA LYS C 168 21.09 -5.97 35.16
C LYS C 168 20.18 -6.04 36.38
N GLU C 169 20.65 -5.48 37.49
CA GLU C 169 19.86 -5.36 38.70
C GLU C 169 18.63 -4.50 38.46
N THR C 170 18.87 -3.34 37.88
CA THR C 170 17.81 -2.43 37.49
C THR C 170 17.92 -2.22 35.99
N CYS C 171 16.84 -2.53 35.28
CA CYS C 171 16.79 -2.31 33.84
C CYS C 171 15.71 -1.29 33.53
N ASP C 172 16.11 -0.25 32.81
CA ASP C 172 15.23 0.88 32.48
C ASP C 172 14.94 0.81 31.00
N PRO C 173 13.68 0.47 30.63
CA PRO C 173 13.38 0.17 29.22
C PRO C 173 13.25 1.39 28.31
N GLY C 174 13.46 2.59 28.85
CA GLY C 174 13.29 3.82 28.06
C GLY C 174 14.03 3.77 26.74
N GLN C 175 15.29 3.32 26.74
CA GLN C 175 16.06 3.33 25.49
C GLN C 175 15.74 2.14 24.59
N TYR C 176 15.03 1.17 25.14
CA TYR C 176 14.63 0.04 24.33
C TYR C 176 13.37 0.40 23.58
N ASP C 177 12.45 1.09 24.26
CA ASP C 177 11.21 1.56 23.64
C ASP C 177 11.55 2.50 22.49
N GLN C 178 12.55 3.34 22.73
CA GLN C 178 13.02 4.26 21.69
C GLN C 178 13.59 3.53 20.46
N THR C 179 14.13 2.33 20.65
CA THR C 179 14.67 1.60 19.49
C THR C 179 13.55 1.12 18.60
N LEU C 180 12.51 0.59 19.22
CA LEU C 180 11.30 0.19 18.48
C LEU C 180 10.62 1.42 17.79
N LEU C 181 10.52 2.53 18.51
CA LEU C 181 9.99 3.80 18.00
C LEU C 181 10.80 4.29 16.82
N THR C 182 12.14 4.31 16.97
CA THR C 182 13.02 4.73 15.87
C THR C 182 12.73 3.87 14.63
N ALA C 183 12.65 2.55 14.81
CA ALA C 183 12.40 1.64 13.69
C ALA C 183 11.02 1.93 13.02
N HIS C 184 9.97 2.15 13.84
CA HIS C 184 8.66 2.50 13.31
C HIS C 184 8.70 3.85 12.59
N PHE C 185 9.40 4.82 13.19
CA PHE C 185 9.46 6.17 12.64
C PHE C 185 10.01 6.19 11.24
N ILE C 186 11.17 5.54 11.02
CA ILE C 186 11.83 5.58 9.71
C ILE C 186 11.27 4.53 8.76
N GLY C 187 10.37 3.71 9.25
CA GLY C 187 9.63 2.83 8.37
C GLY C 187 10.31 1.50 8.10
N ILE C 188 11.03 0.94 9.09
CA ILE C 188 11.69 -0.37 8.86
C ILE C 188 10.65 -1.47 8.65
N GLU C 189 10.67 -2.10 7.46
CA GLU C 189 9.69 -3.14 7.10
C GLU C 189 10.31 -4.53 7.10
N GLY C 190 11.64 -4.58 7.12
CA GLY C 190 12.32 -5.85 7.19
C GLY C 190 13.77 -5.64 7.60
N VAL C 191 14.44 -6.76 7.83
CA VAL C 191 15.83 -6.77 8.22
C VAL C 191 16.54 -7.74 7.30
N PRO C 192 17.84 -7.56 7.09
CA PRO C 192 18.59 -6.44 7.64
C PRO C 192 18.32 -5.16 6.89
N PHE C 193 18.42 -4.06 7.62
CA PHE C 193 18.22 -2.74 7.07
C PHE C 193 19.51 -1.96 7.22
N VAL C 194 20.18 -1.66 6.10
CA VAL C 194 21.53 -1.10 6.16
C VAL C 194 21.59 0.36 5.72
N VAL C 195 22.26 1.18 6.51
CA VAL C 195 22.51 2.52 6.10
C VAL C 195 24.06 2.77 5.97
N ALA C 196 24.51 3.07 4.74
CA ALA C 196 25.92 3.31 4.43
C ALA C 196 26.33 4.63 5.07
N PRO C 197 27.65 4.85 5.20
CA PRO C 197 28.21 6.06 5.83
C PRO C 197 27.73 7.36 5.15
N ASP C 198 27.43 7.28 3.87
CA ASP C 198 26.95 8.44 3.09
C ASP C 198 25.44 8.50 3.10
N GLY C 199 24.81 7.60 3.86
CA GLY C 199 23.38 7.64 4.03
C GLY C 199 22.57 6.69 3.17
N ARG C 200 23.17 6.11 2.13
CA ARG C 200 22.43 5.20 1.27
C ARG C 200 21.85 4.01 2.03
N VAL C 201 20.65 3.61 1.65
CA VAL C 201 19.91 2.56 2.34
C VAL C 201 19.87 1.28 1.51
N SER C 202 20.03 0.15 2.17
CA SER C 202 19.81 -1.15 1.52
C SER C 202 18.69 -1.86 2.27
N LYS C 203 17.60 -2.14 1.57
CA LYS C 203 16.51 -2.94 2.11
C LYS C 203 16.80 -4.41 1.86
N GLY C 204 17.48 -5.04 2.81
CA GLY C 204 17.90 -6.42 2.65
C GLY C 204 19.41 -6.47 2.57
N ARG C 205 19.92 -7.68 2.40
CA ARG C 205 21.34 -7.90 2.33
C ARG C 205 21.90 -7.49 0.97
N PRO C 206 22.87 -6.55 0.96
CA PRO C 206 23.39 -6.21 -0.37
C PRO C 206 24.17 -7.37 -0.98
N LYS C 207 24.20 -7.43 -2.32
CA LYS C 207 24.84 -8.52 -3.06
C LYS C 207 26.30 -8.67 -2.60
N ASN C 208 27.01 -7.56 -2.63
CA ASN C 208 28.37 -7.49 -2.15
C ASN C 208 28.52 -6.28 -1.24
N LEU C 209 28.63 -6.54 0.05
CA LEU C 209 28.61 -5.49 1.03
C LEU C 209 29.75 -4.48 0.82
N LYS C 210 30.95 -5.01 0.60
CA LYS C 210 32.15 -4.23 0.47
C LYS C 210 32.02 -3.23 -0.64
N SER C 211 31.58 -3.67 -1.82
CA SER C 211 31.53 -2.77 -2.97
C SER C 211 30.34 -1.84 -2.79
N TRP C 212 29.28 -2.33 -2.16
CA TRP C 212 28.10 -1.52 -1.97
C TRP C 212 28.41 -0.35 -1.03
N LEU C 213 29.19 -0.60 0.00
CA LEU C 213 29.60 0.45 0.93
C LEU C 213 30.47 1.51 0.26
N GLU C 214 31.19 1.10 -0.78
CA GLU C 214 32.12 1.98 -1.49
C GLU C 214 31.40 2.86 -2.52
N SER C 215 30.08 2.70 -2.63
CA SER C 215 29.15 3.51 -3.48
C SER C 215 28.61 2.50 -4.51
N ALA C 216 27.74 2.88 -5.48
CA ALA C 216 27.06 4.17 -5.58
C ALA C 216 25.53 4.23 -5.30
N GLU C 217 24.75 3.14 -5.32
CA GLU C 217 25.14 1.77 -5.67
C GLU C 217 25.46 1.62 -7.15
N ALA D 15 14.29 -23.45 15.45
CA ALA D 15 13.85 -22.35 16.29
C ALA D 15 14.13 -21.03 15.61
N LYS D 16 15.07 -21.04 14.66
CA LYS D 16 15.45 -19.81 13.97
C LYS D 16 14.78 -19.77 12.61
N ILE D 17 14.72 -18.55 12.08
CA ILE D 17 14.09 -18.28 10.79
C ILE D 17 15.07 -18.26 9.64
N GLU D 18 14.94 -19.26 8.78
CA GLU D 18 15.94 -19.57 7.78
C GLU D 18 15.92 -18.61 6.60
N ASP D 19 14.76 -18.04 6.29
CA ASP D 19 14.70 -17.19 5.13
C ASP D 19 13.38 -16.42 5.07
N ILE D 20 13.38 -15.22 4.49
CA ILE D 20 12.18 -14.39 4.36
C ILE D 20 12.15 -13.77 2.97
N VAL D 21 10.97 -13.75 2.37
CA VAL D 21 10.80 -13.13 1.07
C VAL D 21 9.49 -12.40 1.07
N GLU D 22 9.57 -11.15 0.63
CA GLU D 22 8.42 -10.32 0.47
C GLU D 22 7.70 -10.68 -0.83
N LEU D 23 6.43 -11.08 -0.72
CA LEU D 23 5.65 -11.45 -1.90
C LEU D 23 4.98 -10.21 -2.50
N PRO D 24 4.76 -10.21 -3.83
CA PRO D 24 4.05 -9.11 -4.50
C PRO D 24 2.54 -9.23 -4.23
N ILE D 25 2.16 -8.92 -3.01
CA ILE D 25 0.76 -9.02 -2.57
C ILE D 25 0.41 -7.76 -1.82
N LYS D 26 -0.63 -7.05 -2.27
CA LYS D 26 -1.00 -5.78 -1.67
C LYS D 26 -2.23 -5.93 -0.75
N GLY D 27 -2.91 -7.06 -0.88
CA GLY D 27 -4.10 -7.35 -0.07
C GLY D 27 -4.55 -8.78 -0.16
N VAL D 28 -5.31 -9.22 0.82
CA VAL D 28 -5.81 -10.60 0.85
C VAL D 28 -7.32 -10.69 1.17
N ARG D 29 -8.07 -11.45 0.37
CA ARG D 29 -9.47 -11.74 0.66
C ARG D 29 -9.61 -13.16 1.13
N ALA D 30 -10.36 -13.36 2.22
CA ALA D 30 -10.81 -14.68 2.65
C ALA D 30 -12.05 -15.04 1.86
N VAL D 31 -12.04 -16.20 1.20
CA VAL D 31 -13.15 -16.58 0.31
C VAL D 31 -13.73 -17.93 0.76
N GLN D 32 -15.04 -17.93 1.02
CA GLN D 32 -15.75 -19.14 1.45
C GLN D 32 -16.41 -19.80 0.25
N SER D 33 -16.08 -21.06 -0.01
CA SER D 33 -16.74 -21.80 -1.07
C SER D 33 -16.80 -23.29 -0.78
N ASP D 34 -17.97 -23.90 -0.96
CA ASP D 34 -18.06 -25.34 -0.80
C ASP D 34 -17.64 -25.78 0.62
N GLY D 35 -17.74 -24.85 1.60
CA GLY D 35 -17.39 -25.11 3.00
C GLY D 35 -15.93 -25.00 3.39
N GLN D 36 -15.07 -24.66 2.43
CA GLN D 36 -13.66 -24.33 2.73
C GLN D 36 -13.33 -22.85 2.46
N ILE D 37 -12.56 -22.25 3.37
CA ILE D 37 -12.17 -20.87 3.26
C ILE D 37 -10.77 -20.83 2.72
N MET D 38 -10.64 -20.18 1.55
CA MET D 38 -9.34 -19.93 0.90
C MET D 38 -8.91 -18.50 1.04
N PHE D 39 -7.67 -18.21 0.63
CA PHE D 39 -7.17 -16.86 0.71
C PHE D 39 -6.59 -16.45 -0.62
N LEU D 40 -7.12 -15.35 -1.17
CA LEU D 40 -6.78 -14.88 -2.51
C LEU D 40 -6.13 -13.49 -2.47
N SER D 41 -5.11 -13.21 -3.28
CA SER D 41 -4.52 -11.87 -3.23
C SER D 41 -5.51 -10.91 -3.90
N GLU D 42 -5.41 -9.64 -3.57
CA GLU D 42 -6.42 -8.67 -4.00
C GLU D 42 -6.59 -8.57 -5.52
N ASN D 43 -5.52 -8.77 -6.27
CA ASN D 43 -5.57 -8.73 -7.73
C ASN D 43 -5.82 -10.12 -8.39
N GLY D 44 -6.06 -11.15 -7.58
CA GLY D 44 -6.36 -12.49 -8.07
C GLY D 44 -5.21 -13.36 -8.60
N ARG D 45 -3.97 -12.98 -8.30
CA ARG D 45 -2.80 -13.72 -8.80
C ARG D 45 -2.53 -14.97 -7.96
N PHE D 46 -2.62 -14.84 -6.65
CA PHE D 46 -2.24 -15.91 -5.75
C PHE D 46 -3.42 -16.50 -5.01
N VAL D 47 -3.45 -17.81 -4.90
CA VAL D 47 -4.40 -18.43 -3.99
C VAL D 47 -3.60 -19.24 -2.96
N ILE D 48 -3.94 -19.03 -1.70
CA ILE D 48 -3.34 -19.75 -0.60
C ILE D 48 -4.43 -20.63 0.02
N SER D 49 -4.20 -21.94 -0.04
CA SER D 49 -5.01 -22.96 0.63
C SER D 49 -4.35 -23.39 1.94
N GLY D 50 -5.09 -23.27 3.03
CA GLY D 50 -4.59 -23.52 4.38
C GLY D 50 -5.41 -22.86 5.49
N GLN D 51 -4.75 -22.62 6.62
CA GLN D 51 -5.38 -22.07 7.84
C GLN D 51 -4.66 -20.81 8.30
N ILE D 52 -5.44 -19.85 8.79
CA ILE D 52 -4.90 -18.59 9.28
C ILE D 52 -5.05 -18.52 10.80
N TYR D 53 -4.06 -17.90 11.44
CA TYR D 53 -3.99 -17.77 12.88
C TYR D 53 -3.75 -16.31 13.30
N ASP D 54 -4.49 -15.84 14.30
CA ASP D 54 -4.37 -14.47 14.84
C ASP D 54 -3.44 -14.51 16.04
N LEU D 55 -2.22 -13.97 15.92
CA LEU D 55 -1.25 -14.06 17.01
C LEU D 55 -1.55 -13.07 18.14
N TRP D 56 -2.37 -12.06 17.86
CA TRP D 56 -2.77 -11.10 18.88
C TRP D 56 -3.78 -11.70 19.89
N SER D 57 -4.75 -12.45 19.38
CA SER D 57 -5.74 -13.11 20.24
C SER D 57 -5.29 -14.56 20.57
N LYS D 58 -4.20 -15.01 19.94
CA LYS D 58 -3.71 -16.37 20.13
C LYS D 58 -4.83 -17.35 19.77
N LYS D 59 -5.43 -17.15 18.59
CA LYS D 59 -6.46 -18.09 18.11
C LYS D 59 -6.46 -18.27 16.58
N PRO D 60 -6.87 -19.45 16.08
CA PRO D 60 -7.02 -19.64 14.63
C PRO D 60 -8.37 -19.11 14.20
N LEU D 61 -8.49 -18.79 12.92
CA LEU D 61 -9.73 -18.30 12.37
C LEU D 61 -10.26 -19.29 11.32
N ASN D 62 -11.44 -19.86 11.62
CA ASN D 62 -12.08 -20.91 10.82
C ASN D 62 -13.47 -20.56 10.25
N THR D 63 -14.12 -19.50 10.76
CA THR D 63 -15.42 -19.06 10.22
C THR D 63 -15.30 -17.65 9.69
N MET D 64 -16.15 -17.28 8.75
CA MET D 64 -16.13 -15.96 8.14
C MET D 64 -16.48 -14.84 9.12
N SER D 65 -17.26 -15.19 10.13
CA SER D 65 -17.58 -14.29 11.22
C SER D 65 -16.32 -13.90 11.95
N GLN D 66 -15.41 -14.84 12.07
CA GLN D 66 -14.15 -14.58 12.75
C GLN D 66 -13.27 -13.69 11.86
N MET D 67 -13.33 -13.90 10.55
CA MET D 67 -12.62 -13.01 9.63
C MET D 67 -13.12 -11.59 9.75
N ARG D 68 -14.45 -11.47 9.69
CA ARG D 68 -15.14 -10.20 9.75
CA ARG D 68 -15.13 -10.20 9.76
C ARG D 68 -14.80 -9.50 11.07
N ASP D 69 -14.66 -10.29 12.12
CA ASP D 69 -14.30 -9.76 13.44
C ASP D 69 -12.91 -9.13 13.37
N VAL D 70 -11.92 -9.81 12.78
CA VAL D 70 -10.58 -9.18 12.72
C VAL D 70 -10.53 -8.03 11.74
N ALA D 71 -11.42 -8.04 10.75
CA ALA D 71 -11.56 -6.92 9.79
C ALA D 71 -12.26 -5.70 10.39
N GLU D 72 -13.21 -5.94 11.30
CA GLU D 72 -14.13 -4.89 11.76
C GLU D 72 -13.91 -4.49 13.22
N ARG D 73 -13.17 -5.31 13.98
CA ARG D 73 -13.07 -5.06 15.42
C ARG D 73 -11.67 -5.22 16.03
N ILE D 74 -11.50 -4.55 17.17
CA ILE D 74 -10.31 -4.64 18.03
C ILE D 74 -10.77 -5.00 19.45
N HIS D 75 -10.22 -6.08 19.99
CA HIS D 75 -10.55 -6.51 21.34
C HIS D 75 -9.37 -6.35 22.29
N PHE D 76 -9.39 -5.24 23.03
CA PHE D 76 -8.28 -4.87 23.90
C PHE D 76 -8.02 -5.88 25.01
N LYS D 77 -9.10 -6.46 25.55
CA LYS D 77 -9.00 -7.41 26.66
C LYS D 77 -8.32 -8.71 26.19
N SER D 78 -8.64 -9.17 24.99
CA SER D 78 -8.01 -10.37 24.41
C SER D 78 -6.53 -10.23 24.15
N MET D 79 -6.06 -9.00 23.97
CA MET D 79 -4.64 -8.74 23.76
C MET D 79 -3.92 -8.35 25.06
N GLY D 80 -4.64 -8.36 26.18
CA GLY D 80 -4.07 -8.08 27.49
C GLY D 80 -3.66 -6.63 27.67
N MET D 81 -4.35 -5.73 26.95
CA MET D 81 -4.01 -4.31 26.95
C MET D 81 -5.00 -3.52 27.77
N ASP D 82 -4.46 -2.83 28.77
CA ASP D 82 -5.23 -1.98 29.65
C ASP D 82 -5.05 -0.53 29.22
N VAL D 83 -6.07 0.01 28.59
CA VAL D 83 -5.99 1.37 28.08
C VAL D 83 -5.88 2.38 29.22
N ASP D 84 -6.22 1.96 30.45
CA ASP D 84 -6.20 2.87 31.59
C ASP D 84 -4.79 3.23 31.99
N THR D 85 -3.84 2.39 31.56
CA THR D 85 -2.44 2.60 31.84
C THR D 85 -1.80 3.55 30.82
N LEU D 86 -2.55 3.92 29.77
CA LEU D 86 -1.98 4.73 28.69
C LEU D 86 -2.22 6.23 28.87
N ASN D 87 -1.83 7.02 27.88
CA ASN D 87 -2.00 8.47 27.97
C ASN D 87 -3.49 8.71 27.82
N THR D 88 -4.19 8.44 28.92
CA THR D 88 -5.65 8.40 28.88
C THR D 88 -6.29 9.29 29.96
N VAL D 89 -7.39 9.92 29.57
CA VAL D 89 -8.23 10.66 30.50
C VAL D 89 -9.63 10.11 30.30
N SER D 90 -10.31 9.88 31.43
CA SER D 90 -11.61 9.25 31.45
C SER D 90 -12.70 10.30 31.63
N MET D 91 -13.85 10.02 31.04
CA MET D 91 -15.04 10.88 31.14
C MET D 91 -16.29 10.00 31.18
N GLY D 92 -17.12 10.20 32.21
CA GLY D 92 -18.38 9.48 32.33
C GLY D 92 -18.39 8.46 33.45
N ARG D 93 -19.55 7.84 33.64
CA ARG D 93 -19.79 6.94 34.75
C ARG D 93 -20.56 5.70 34.30
N GLY D 94 -20.81 5.58 33.01
CA GLY D 94 -21.48 4.41 32.48
C GLY D 94 -20.71 3.10 32.64
N ASP D 95 -21.43 1.99 32.57
CA ASP D 95 -20.87 0.66 32.77
C ASP D 95 -20.23 0.12 31.50
N LYS D 96 -20.51 0.78 30.39
CA LYS D 96 -19.96 0.38 29.11
C LYS D 96 -18.79 1.27 28.71
N GLU D 97 -17.71 0.60 28.30
CA GLU D 97 -16.44 1.25 28.01
C GLU D 97 -16.34 1.62 26.53
N VAL D 98 -16.05 2.89 26.28
CA VAL D 98 -15.78 3.40 24.94
C VAL D 98 -14.34 3.89 24.93
N VAL D 99 -13.54 3.44 23.95
CA VAL D 99 -12.17 3.90 23.77
C VAL D 99 -12.02 4.75 22.49
N VAL D 100 -11.42 5.91 22.65
CA VAL D 100 -11.20 6.82 21.52
C VAL D 100 -9.78 7.38 21.49
N PHE D 101 -9.05 7.09 20.40
CA PHE D 101 -7.74 7.69 20.18
C PHE D 101 -7.93 9.05 19.55
N VAL D 102 -7.29 10.08 20.12
CA VAL D 102 -7.48 11.45 19.65
C VAL D 102 -6.18 12.27 19.58
N ASP D 103 -6.13 13.25 18.68
CA ASP D 103 -5.03 14.20 18.62
C ASP D 103 -5.48 15.56 19.20
N PRO D 104 -4.60 16.21 20.00
CA PRO D 104 -4.94 17.51 20.60
C PRO D 104 -5.35 18.61 19.58
N ARG D 105 -4.89 18.47 18.33
CA ARG D 105 -5.15 19.51 17.31
C ARG D 105 -6.30 19.13 16.39
N CYS D 106 -6.90 17.98 16.62
CA CYS D 106 -7.96 17.49 15.76
CA CYS D 106 -7.97 17.49 15.76
C CYS D 106 -9.34 18.06 16.15
N ALA D 107 -9.90 18.93 15.31
CA ALA D 107 -11.16 19.61 15.61
C ALA D 107 -12.32 18.60 15.57
N VAL D 108 -12.24 17.63 14.67
CA VAL D 108 -13.22 16.56 14.61
C VAL D 108 -13.21 15.77 15.91
N CYS D 109 -12.02 15.54 16.48
CA CYS D 109 -11.89 14.83 17.76
CA CYS D 109 -11.92 14.83 17.75
C CYS D 109 -12.59 15.66 18.86
N HIS D 110 -12.37 16.97 18.84
CA HIS D 110 -12.95 17.89 19.82
C HIS D 110 -14.48 17.87 19.80
N GLN D 111 -15.03 17.79 18.60
CA GLN D 111 -16.46 17.70 18.39
C GLN D 111 -17.06 16.39 18.89
N LEU D 112 -16.34 15.30 18.68
CA LEU D 112 -16.81 13.99 19.13
C LEU D 112 -16.84 13.91 20.64
N MET D 113 -15.79 14.44 21.27
CA MET D 113 -15.72 14.51 22.71
C MET D 113 -16.86 15.39 23.23
N GLY D 114 -17.26 16.41 22.46
CA GLY D 114 -18.39 17.25 22.83
C GLY D 114 -19.66 16.43 22.83
N ASP D 115 -19.85 15.67 21.76
CA ASP D 115 -21.00 14.77 21.62
C ASP D 115 -21.03 13.70 22.72
N ALA D 116 -19.86 13.34 23.23
CA ALA D 116 -19.78 12.28 24.24
C ALA D 116 -20.30 12.74 25.60
N LYS D 117 -20.25 14.05 25.87
CA LYS D 117 -20.64 14.56 27.20
C LYS D 117 -22.08 14.23 27.55
N SER D 118 -22.92 14.08 26.53
CA SER D 118 -24.33 13.80 26.75
CA SER D 118 -24.33 13.80 26.75
C SER D 118 -24.61 12.29 26.79
N LEU D 119 -23.55 11.48 26.92
CA LEU D 119 -23.70 10.01 26.96
C LEU D 119 -23.00 9.39 28.14
N VAL D 120 -22.60 10.23 29.10
CA VAL D 120 -21.83 9.85 30.27
C VAL D 120 -22.59 8.94 31.24
N ASP D 121 -23.92 8.91 31.10
CA ASP D 121 -24.73 8.03 31.96
C ASP D 121 -24.72 6.59 31.42
N ASP D 122 -24.60 6.45 30.09
CA ASP D 122 -24.63 5.14 29.46
C ASP D 122 -23.25 4.55 29.16
N TYR D 123 -22.25 5.41 29.06
CA TYR D 123 -20.91 5.00 28.69
C TYR D 123 -19.89 5.72 29.53
N THR D 124 -18.73 5.09 29.66
CA THR D 124 -17.56 5.73 30.20
C THR D 124 -16.53 5.85 29.10
N PHE D 125 -16.13 7.07 28.79
CA PHE D 125 -15.22 7.29 27.69
C PHE D 125 -13.74 7.30 28.12
N LYS D 126 -12.95 6.49 27.40
CA LYS D 126 -11.49 6.46 27.54
C LYS D 126 -10.91 7.19 26.33
N PHE D 127 -10.44 8.41 26.57
CA PHE D 127 -9.84 9.22 25.52
C PHE D 127 -8.31 9.09 25.53
N ILE D 128 -7.78 8.40 24.53
CA ILE D 128 -6.32 8.16 24.45
C ILE D 128 -5.64 9.17 23.55
N VAL D 129 -4.81 10.01 24.15
CA VAL D 129 -4.21 11.15 23.45
C VAL D 129 -2.85 10.76 22.78
N ILE D 130 -2.82 10.80 21.45
CA ILE D 130 -1.64 10.47 20.66
C ILE D 130 -1.25 11.59 19.66
N PRO D 131 0.07 11.76 19.39
CA PRO D 131 0.50 12.74 18.38
C PRO D 131 0.43 12.15 16.98
N ALA D 132 -0.75 12.13 16.39
CA ALA D 132 -0.98 11.51 15.11
C ALA D 132 -0.78 12.54 14.00
N LEU D 133 -0.68 13.80 14.38
CA LEU D 133 -0.65 14.91 13.43
C LEU D 133 0.60 15.77 13.55
N GLY D 134 1.64 15.29 14.25
CA GLY D 134 2.92 15.94 14.17
C GLY D 134 3.55 16.39 15.46
N ALA D 135 4.54 17.27 15.33
CA ALA D 135 5.42 17.64 16.44
C ALA D 135 4.71 18.51 17.48
N GLU D 136 3.97 19.50 17.03
CA GLU D 136 3.25 20.35 17.96
C GLU D 136 2.21 19.53 18.74
N SER D 137 1.61 18.54 18.07
CA SER D 137 0.71 17.60 18.74
C SER D 137 1.44 16.83 19.85
N ASN D 138 2.69 16.45 19.59
CA ASN D 138 3.51 15.66 20.52
C ASN D 138 3.74 16.46 21.78
N ARG D 139 3.99 17.76 21.62
CA ARG D 139 4.19 18.65 22.77
C ARG D 139 2.94 18.68 23.65
N LEU D 140 1.80 18.89 23.03
CA LEU D 140 0.53 18.99 23.75
C LEU D 140 0.13 17.68 24.43
N ALA D 141 0.41 16.57 23.75
CA ALA D 141 0.09 15.24 24.29
C ALA D 141 0.98 14.90 25.50
N LYS D 142 2.23 15.35 25.46
CA LYS D 142 3.12 15.17 26.60
C LYS D 142 2.68 15.97 27.82
N ASN D 143 2.25 17.21 27.58
CA ASN D 143 1.79 18.07 28.67
C ASN D 143 0.66 17.44 29.47
N LEU D 144 -0.26 16.81 28.75
CA LEU D 144 -1.41 16.13 29.35
C LEU D 144 -0.96 14.89 30.11
N TYR D 145 0.04 14.22 29.56
CA TYR D 145 0.61 13.02 30.17
C TYR D 145 1.23 13.43 31.49
N CYS D 146 2.03 14.47 31.45
CA CYS D 146 2.78 14.90 32.63
C CYS D 146 2.03 15.94 33.47
N ALA D 147 0.72 15.99 33.27
CA ALA D 147 -0.13 16.91 34.01
C ALA D 147 -0.30 16.40 35.46
N LYS D 148 -0.11 17.30 36.42
CA LYS D 148 -0.31 17.00 37.82
C LYS D 148 -1.82 16.87 38.09
N ASP D 149 -2.59 17.73 37.44
CA ASP D 149 -4.05 17.72 37.59
C ASP D 149 -4.70 17.22 36.32
N LYS D 150 -5.32 16.04 36.41
CA LYS D 150 -5.96 15.43 35.25
C LYS D 150 -7.45 15.75 35.28
N THR D 151 -7.85 16.57 36.26
CA THR D 151 -9.23 17.02 36.37
C THR D 151 -9.53 17.96 35.22
N HIS D 152 -8.62 18.92 35.02
CA HIS D 152 -8.83 19.93 33.99
C HIS D 152 -7.97 19.64 32.77
N ALA D 153 -7.36 18.45 32.75
CA ALA D 153 -6.63 17.96 31.59
C ALA D 153 -7.66 17.66 30.51
N LEU D 154 -8.72 17.00 30.94
CA LEU D 154 -9.87 16.69 30.10
C LEU D 154 -10.50 17.97 29.52
N ASP D 155 -10.63 19.01 30.36
CA ASP D 155 -11.14 20.31 29.90
C ASP D 155 -10.20 21.00 28.90
N ALA D 156 -8.91 21.02 29.21
CA ALA D 156 -7.90 21.67 28.36
C ALA D 156 -7.85 21.03 26.98
N LEU D 157 -8.06 19.72 26.96
CA LEU D 157 -8.05 18.96 25.71
C LEU D 157 -9.18 19.40 24.78
N MET D 158 -10.39 19.49 25.34
CA MET D 158 -11.58 19.87 24.58
C MET D 158 -11.50 21.30 24.09
N ASN D 159 -10.87 22.14 24.89
CA ASN D 159 -10.78 23.57 24.62
C ASN D 159 -9.45 23.94 23.98
N ASN D 160 -8.60 22.95 23.77
CA ASN D 160 -7.32 23.15 23.10
C ASN D 160 -6.44 24.20 23.80
N THR D 161 -6.19 23.99 25.10
CA THR D 161 -5.36 24.90 25.90
C THR D 161 -4.35 24.06 26.69
N LEU D 162 -3.90 22.99 26.04
CA LEU D 162 -3.01 22.02 26.69
C LEU D 162 -1.58 22.53 26.96
N GLY D 163 -1.12 23.54 26.23
CA GLY D 163 0.24 24.03 26.40
C GLY D 163 0.55 24.66 27.75
N SER D 164 -0.50 25.10 28.45
CA SER D 164 -0.38 25.80 29.73
C SER D 164 -0.85 24.93 30.92
N LEU D 165 -0.32 23.71 31.05
CA LEU D 165 -0.66 22.83 32.17
C LEU D 165 0.52 22.52 33.09
N PRO D 166 0.24 22.40 34.40
CA PRO D 166 1.29 22.17 35.40
C PRO D 166 1.89 20.79 35.27
N SER D 167 3.20 20.73 35.11
CA SER D 167 3.89 19.46 34.95
C SER D 167 4.09 18.77 36.30
N LYS D 168 4.07 17.44 36.29
CA LYS D 168 4.44 16.65 37.46
C LYS D 168 5.87 16.97 37.90
N GLU D 169 6.18 16.63 39.15
CA GLU D 169 7.54 16.74 39.67
C GLU D 169 8.46 15.85 38.84
N THR D 170 8.08 14.58 38.73
CA THR D 170 8.81 13.63 37.91
C THR D 170 7.78 12.91 37.06
N CYS D 171 8.07 12.79 35.76
CA CYS D 171 7.21 12.08 34.84
C CYS D 171 8.02 10.98 34.14
N ASP D 172 7.51 9.75 34.23
CA ASP D 172 8.17 8.55 33.71
C ASP D 172 7.49 8.21 32.38
N PRO D 173 8.22 8.38 31.26
CA PRO D 173 7.62 8.32 29.92
C PRO D 173 7.29 6.93 29.42
N GLY D 174 7.51 5.90 30.25
CA GLY D 174 7.26 4.54 29.83
C GLY D 174 5.86 4.36 29.26
N GLN D 175 4.84 4.86 29.93
CA GLN D 175 3.47 4.64 29.47
C GLN D 175 3.06 5.56 28.32
N TYR D 176 3.79 6.65 28.11
CA TYR D 176 3.52 7.47 26.93
C TYR D 176 4.08 6.73 25.72
N ASP D 177 5.31 6.22 25.84
CA ASP D 177 5.96 5.48 24.76
C ASP D 177 5.14 4.24 24.39
N GLN D 178 4.60 3.55 25.39
CA GLN D 178 3.70 2.40 25.20
C GLN D 178 2.42 2.82 24.50
N THR D 179 2.02 4.07 24.70
CA THR D 179 0.84 4.56 23.97
C THR D 179 1.16 4.63 22.47
N LEU D 180 2.35 5.09 22.11
CA LEU D 180 2.71 5.13 20.70
C LEU D 180 2.80 3.74 20.09
N LEU D 181 3.44 2.81 20.80
CA LEU D 181 3.52 1.42 20.33
C LEU D 181 2.15 0.85 20.13
N THR D 182 1.29 1.05 21.12
CA THR D 182 -0.08 0.56 21.02
C THR D 182 -0.73 1.03 19.73
N ALA D 183 -0.64 2.33 19.46
CA ALA D 183 -1.24 2.91 18.24
C ALA D 183 -0.59 2.29 16.98
N HIS D 184 0.73 2.18 16.98
CA HIS D 184 1.45 1.55 15.85
C HIS D 184 1.06 0.08 15.74
N PHE D 185 0.93 -0.56 16.88
CA PHE D 185 0.60 -1.97 16.92
C PHE D 185 -0.76 -2.25 16.24
N ILE D 186 -1.81 -1.49 16.61
CA ILE D 186 -3.14 -1.74 16.05
C ILE D 186 -3.26 -1.06 14.70
N GLY D 187 -2.30 -0.21 14.34
CA GLY D 187 -2.28 0.25 12.97
C GLY D 187 -3.17 1.48 12.82
N ILE D 188 -3.16 2.39 13.80
CA ILE D 188 -3.93 3.65 13.72
C ILE D 188 -3.35 4.56 12.64
N GLU D 189 -4.19 4.90 11.66
CA GLU D 189 -3.82 5.72 10.48
C GLU D 189 -4.42 7.12 10.57
N GLY D 190 -5.41 7.29 11.44
CA GLY D 190 -6.01 8.59 11.60
C GLY D 190 -6.88 8.66 12.83
N VAL D 191 -7.32 9.86 13.11
CA VAL D 191 -8.14 10.15 14.27
C VAL D 191 -9.35 10.95 13.83
N PRO D 192 -10.45 10.82 14.58
CA PRO D 192 -10.58 9.93 15.74
C PRO D 192 -10.76 8.43 15.39
N PHE D 193 -10.21 7.56 16.24
CA PHE D 193 -10.28 6.11 16.07
C PHE D 193 -11.02 5.59 17.27
N VAL D 194 -12.24 5.14 17.01
CA VAL D 194 -13.20 4.84 18.06
C VAL D 194 -13.39 3.36 18.18
N VAL D 195 -13.34 2.86 19.42
CA VAL D 195 -13.61 1.47 19.69
C VAL D 195 -14.82 1.32 20.60
N ALA D 196 -15.86 0.72 20.05
CA ALA D 196 -17.11 0.53 20.77
C ALA D 196 -16.93 -0.52 21.88
N PRO D 197 -17.89 -0.59 22.83
CA PRO D 197 -17.81 -1.58 23.92
C PRO D 197 -17.71 -3.03 23.44
N ASP D 198 -18.28 -3.31 22.27
CA ASP D 198 -18.26 -4.65 21.66
C ASP D 198 -17.08 -4.86 20.68
N GLY D 199 -16.19 -3.88 20.61
CA GLY D 199 -14.99 -3.99 19.82
C GLY D 199 -15.05 -3.31 18.45
N ARG D 200 -16.26 -3.00 17.96
CA ARG D 200 -16.41 -2.41 16.61
C ARG D 200 -15.58 -1.15 16.52
N VAL D 201 -14.95 -0.96 15.37
CA VAL D 201 -14.06 0.16 15.15
C VAL D 201 -14.72 1.09 14.20
N SER D 202 -14.58 2.37 14.50
CA SER D 202 -14.94 3.42 13.55
C SER D 202 -13.69 4.25 13.22
N LYS D 203 -13.29 4.22 11.96
CA LYS D 203 -12.18 5.04 11.50
C LYS D 203 -12.74 6.40 11.17
N GLY D 204 -12.76 7.27 12.18
CA GLY D 204 -13.34 8.60 12.06
C GLY D 204 -14.58 8.81 12.90
N ARG D 205 -15.12 10.02 12.83
CA ARG D 205 -16.29 10.35 13.60
C ARG D 205 -17.54 9.73 12.94
N PRO D 206 -18.21 8.79 13.64
CA PRO D 206 -19.40 8.12 13.07
C PRO D 206 -20.58 9.05 12.88
N LYS D 207 -21.47 8.73 11.95
CA LYS D 207 -22.60 9.59 11.61
C LYS D 207 -23.35 10.04 12.85
N ASN D 208 -23.72 9.08 13.67
CA ASN D 208 -24.35 9.35 14.94
C ASN D 208 -23.70 8.49 15.99
N LEU D 209 -22.98 9.15 16.90
CA LEU D 209 -22.23 8.49 17.95
C LEU D 209 -23.11 7.64 18.86
N LYS D 210 -24.22 8.24 19.30
CA LYS D 210 -25.12 7.62 20.26
C LYS D 210 -25.72 6.30 19.73
N SER D 211 -26.25 6.32 18.51
CA SER D 211 -26.87 5.12 17.92
C SER D 211 -25.81 4.11 17.46
N TRP D 212 -24.65 4.61 17.04
CA TRP D 212 -23.59 3.73 16.56
C TRP D 212 -22.96 2.91 17.71
N LEU D 213 -22.81 3.53 18.89
CA LEU D 213 -22.22 2.87 20.05
C LEU D 213 -23.04 1.67 20.52
N GLU D 214 -24.34 1.71 20.22
CA GLU D 214 -25.24 0.65 20.65
C GLU D 214 -24.90 -0.56 19.77
N SER D 215 -25.08 -0.37 18.47
CA SER D 215 -24.69 -1.36 17.45
C SER D 215 -24.93 -0.77 16.05
#